data_7EBZ
#
_entry.id   7EBZ
#
_cell.length_a   1.00
_cell.length_b   1.00
_cell.length_c   1.00
_cell.angle_alpha   90.00
_cell.angle_beta   90.00
_cell.angle_gamma   90.00
#
_symmetry.space_group_name_H-M   'P 1'
#
loop_
_entity.id
_entity.type
_entity.pdbx_description
1 polymer 'Capsid protein VP1'
2 polymer 'Capsid protein VP3'
3 polymer 'Capsid protein VP2'
4 polymer 'Capsid protein VP4'
5 polymer 'Fab 2H12 heavy chain'
6 polymer 'Fab 2H12 light chain'
#
loop_
_entity_poly.entity_id
_entity_poly.type
_entity_poly.pdbx_seq_one_letter_code
_entity_poly.pdbx_strand_id
1 'polypeptide(L)'
;IESIIKTATDTVKSEINAELGVVPSLNAVETGATSNTEPEEAIQTRTVINQHGVSETLVENFLSRAALVSKRSFEYKDHT
SSTARADKNFFKWTINTRSFVQLRRKLELFTYLRFDAEITILTTVAVNGSGNNTYVGLPDLTLQAMFVPTGALTPEKQDS
FHWQSGSNASVFFKISDPPARITIPFMCINSAYSVFYDGFAGFEKNGLYGINPADTIGNLCVRIVNEHQPVGFTVTVRVY
MKPKHIKAWAPRPPRTLPYMSIANANYKGKERAPNALSAIIGNRDSVKTMPHNIVNT
;
A
2 'polypeptide(L)'
;GVPTYLLPGSGQFLTTDDHSSAPALPCFNPTPEMHIPGQVRNMLEVVQVESMMEINNTESAVGMERLKVDISALTDVDQL
LFNIPLDIQLDGPLRNTLVGNISRYYTHWSGSLEMTFMFCGSFMAAGKLILCYTPPGGSCPTTRETAMLGTHIVWDFGLQ
SSVTLIIPWISGSHYRMFNNDAKSTNANVGYVTCFMQTNLIVPSESSDTCSLIGFIAAKDDFSLRLMRDSPDIGQLDHLH
AAEAAYQ
;
C
3 'polypeptide(L)'
;SPSAEACGYSDRVLQLKLGNSAIVTQEAANYCCAYGEWPNYLPDHEAVAIDKPTQPETATDRFYTLKSVKWETGSTGWWW
KLPDALNNIGMFGQNVQHHYLYRSGFLIHVQCNATKFHQGALLVVAIPEHQRGAHNTNTSPGFDDIMKGEEGGTFNHPYV
LDDGTSLACATIFPHQWINLRTNNSATIVLPWMNAAPMDFPLRHNQWTLAIIPVVPLGTRTTSSMVPITVSIAPMCCEFN
GLRHAITQ
;
B
4 'polypeptide(L)' GAQVTRQQTGTHENANIATNGSHITYNQINFYKDSYAASASKQDFSQDPSKFTEPVVEGLKAGAPVLK D
5 'polypeptide(L)'
;QVQLQQPGAELVMPGASVKMSCKASGYTFTDYWMHWVKQRPGQGLEWIGAIDTSDSYTTYNRKFKGKATLTVDESSSTAY
MQLISLTSEDSAVYYCARGGGGNSPFAYWGQGTLVTVSAAKTTAPSVYPLAPVCGDTTGSSVTLGCLVKGYFPEPVTLTW
NSGSLSSGVHTFPAVLQSDLYTLSSSVTVTSSTWPSQSITCNVAHPASSTKVDKKI
;
E
6 'polypeptide(L)'
;DIQMTQSPSSLSASLGERVSLTCRASQDIGSSLNWLQQEPDGTIKRLIYATSSLDSGVPKRFSGSRSGSDYSLTISSLES
EDFVDYYCLQYASFPLTFGAGTKLELKRADAAPTVSIFPPSSEQLTSGGASVVCFLNNFYPKDINVKWKIDGSERQNGVL
NSWTDQDSKDSTYSMSSTLTLTKDEYERHNSYTCEATHKTSTSPIVKSFNRNEC
;
F
#
# COMPACT_ATOMS: atom_id res chain seq x y z
N ILE A 1 6.59 12.32 -25.53
CA ILE A 1 5.84 12.32 -26.77
C ILE A 1 5.12 11.00 -26.95
N GLU A 2 3.79 11.07 -27.08
CA GLU A 2 2.99 9.88 -27.30
C GLU A 2 3.16 9.40 -28.74
N SER A 3 3.29 8.07 -28.90
CA SER A 3 3.50 7.49 -30.21
C SER A 3 2.97 6.06 -30.20
N ILE A 4 2.79 5.52 -31.40
CA ILE A 4 2.35 4.13 -31.56
C ILE A 4 3.59 3.27 -31.69
N ILE A 5 3.86 2.46 -30.67
CA ILE A 5 5.02 1.57 -30.66
C ILE A 5 4.50 0.13 -30.64
N LYS A 6 4.62 -0.57 -31.77
CA LYS A 6 4.20 -1.96 -31.84
C LYS A 6 5.30 -2.96 -31.52
N THR A 7 6.57 -2.54 -31.56
CA THR A 7 7.68 -3.46 -31.38
C THR A 7 8.80 -2.76 -30.63
N ALA A 8 9.76 -3.55 -30.15
CA ALA A 8 10.93 -2.99 -29.51
C ALA A 8 11.77 -2.21 -30.52
N THR A 9 12.55 -1.27 -30.01
CA THR A 9 13.31 -0.36 -30.86
C THR A 9 14.55 -1.04 -31.42
N ASP A 10 14.85 -0.76 -32.68
CA ASP A 10 16.04 -1.27 -33.33
C ASP A 10 17.28 -0.51 -32.85
N THR A 11 18.43 -1.15 -33.00
CA THR A 11 19.70 -0.57 -32.61
C THR A 11 20.49 -0.20 -33.87
N VAL A 12 21.20 0.93 -33.81
CA VAL A 12 22.00 1.43 -34.91
C VAL A 12 23.47 1.31 -34.53
N LYS A 13 24.32 1.05 -35.52
CA LYS A 13 25.74 0.91 -35.25
C LYS A 13 26.36 2.25 -34.86
N SER A 14 27.42 2.18 -34.07
CA SER A 14 28.14 3.36 -33.62
C SER A 14 29.64 3.13 -33.78
N GLU A 15 30.40 4.21 -33.77
CA GLU A 15 31.84 4.20 -34.00
C GLU A 15 32.57 4.73 -32.77
N ILE A 16 33.90 4.78 -32.88
CA ILE A 16 34.71 5.35 -31.81
C ILE A 16 34.41 6.83 -31.69
N ASN A 17 34.07 7.26 -30.48
CA ASN A 17 33.68 8.66 -30.23
C ASN A 17 34.50 9.20 -29.07
N ALA A 18 35.35 10.18 -29.35
CA ALA A 18 36.02 10.98 -28.33
C ALA A 18 35.80 12.44 -28.67
N GLU A 19 35.02 13.14 -27.86
CA GLU A 19 34.69 14.53 -28.15
C GLU A 19 34.50 15.28 -26.84
N LEU A 20 34.93 16.54 -26.82
CA LEU A 20 34.87 17.37 -25.63
C LEU A 20 33.49 18.01 -25.52
N GLY A 21 32.95 18.05 -24.31
CA GLY A 21 31.66 18.65 -24.06
C GLY A 21 30.48 17.73 -24.25
N VAL A 22 30.68 16.55 -24.81
CA VAL A 22 29.60 15.60 -25.07
C VAL A 22 29.84 14.39 -24.15
N VAL A 23 28.95 14.23 -23.18
CA VAL A 23 29.06 13.15 -22.20
C VAL A 23 27.72 12.44 -22.06
N PRO A 24 27.43 11.46 -22.94
CA PRO A 24 26.13 10.79 -22.86
C PRO A 24 25.96 9.92 -21.63
N SER A 25 27.04 9.38 -21.07
CA SER A 25 26.97 8.48 -19.93
C SER A 25 26.75 9.21 -18.62
N LEU A 26 26.81 10.54 -18.60
CA LEU A 26 26.53 11.33 -17.40
C LEU A 26 25.07 11.71 -17.35
N ASN A 27 24.49 11.65 -16.15
CA ASN A 27 23.12 12.07 -15.94
C ASN A 27 23.01 12.70 -14.56
N ALA A 28 21.81 13.19 -14.24
CA ALA A 28 21.51 13.74 -12.92
C ALA A 28 20.24 13.05 -12.42
N VAL A 29 20.38 12.24 -11.37
CA VAL A 29 19.22 11.59 -10.78
C VAL A 29 18.44 12.54 -9.90
N GLU A 30 19.08 13.60 -9.40
CA GLU A 30 18.37 14.61 -8.62
C GLU A 30 17.20 15.21 -9.38
N THR A 31 17.25 15.22 -10.72
CA THR A 31 16.10 15.66 -11.49
C THR A 31 14.94 14.69 -11.46
N GLY A 32 15.15 13.48 -10.93
CA GLY A 32 14.10 12.48 -10.92
C GLY A 32 13.76 11.93 -12.27
N ALA A 33 14.67 12.04 -13.24
CA ALA A 33 14.44 11.57 -14.59
C ALA A 33 15.35 10.39 -14.88
N THR A 34 14.79 9.34 -15.49
CA THR A 34 15.55 8.17 -15.84
C THR A 34 16.66 8.53 -16.83
N SER A 35 17.79 7.85 -16.70
CA SER A 35 18.92 8.10 -17.58
C SER A 35 18.54 7.90 -19.05
N ASN A 36 18.82 8.91 -19.86
CA ASN A 36 18.54 8.85 -21.29
C ASN A 36 19.69 8.29 -22.11
N THR A 37 20.76 7.83 -21.44
CA THR A 37 21.91 7.29 -22.15
C THR A 37 21.52 6.06 -22.95
N GLU A 38 21.83 6.07 -24.25
CA GLU A 38 21.53 5.02 -25.19
C GLU A 38 22.69 4.02 -25.27
N PRO A 39 22.40 2.75 -25.57
CA PRO A 39 23.48 1.78 -25.77
C PRO A 39 24.42 2.14 -26.91
N GLU A 40 23.93 2.86 -27.91
CA GLU A 40 24.78 3.28 -29.02
C GLU A 40 25.85 4.26 -28.56
N GLU A 41 25.48 5.17 -27.67
CA GLU A 41 26.41 6.18 -27.18
C GLU A 41 27.29 5.68 -26.04
N ALA A 42 26.86 4.65 -25.31
CA ALA A 42 27.67 4.12 -24.23
C ALA A 42 28.75 3.16 -24.72
N ILE A 43 28.41 2.28 -25.68
CA ILE A 43 29.34 1.29 -26.21
C ILE A 43 29.22 1.28 -27.73
N GLN A 44 30.16 0.58 -28.35
CA GLN A 44 30.19 0.46 -29.80
C GLN A 44 29.39 -0.76 -30.22
N THR A 45 28.31 -0.54 -30.98
CA THR A 45 27.32 -1.57 -31.28
C THR A 45 27.27 -1.84 -32.79
N ARG A 46 26.37 -2.75 -33.16
CA ARG A 46 26.07 -3.07 -34.55
C ARG A 46 24.60 -2.81 -34.81
N THR A 47 24.25 -2.67 -36.10
CA THR A 47 22.86 -2.48 -36.48
C THR A 47 22.09 -3.77 -36.24
N VAL A 48 21.01 -3.68 -35.47
CA VAL A 48 20.20 -4.84 -35.11
C VAL A 48 18.75 -4.48 -35.33
N ILE A 49 18.07 -5.26 -36.18
CA ILE A 49 16.64 -5.09 -36.40
C ILE A 49 15.91 -5.94 -35.37
N ASN A 50 15.14 -5.30 -34.50
CA ASN A 50 14.50 -5.96 -33.37
C ASN A 50 13.03 -6.18 -33.72
N GLN A 51 12.66 -7.43 -33.94
CA GLN A 51 11.29 -7.81 -34.27
C GLN A 51 10.47 -8.25 -33.06
N HIS A 52 11.05 -8.18 -31.86
CA HIS A 52 10.36 -8.67 -30.67
C HIS A 52 9.15 -7.80 -30.37
N GLY A 53 7.99 -8.45 -30.20
CA GLY A 53 6.76 -7.73 -30.01
C GLY A 53 6.55 -7.31 -28.55
N VAL A 54 5.97 -6.13 -28.38
CA VAL A 54 5.64 -5.60 -27.05
C VAL A 54 4.19 -5.83 -26.68
N SER A 55 3.44 -6.54 -27.52
CA SER A 55 1.98 -6.60 -27.37
C SER A 55 1.55 -7.31 -26.10
N GLU A 56 2.38 -8.20 -25.56
CA GLU A 56 1.94 -9.02 -24.45
C GLU A 56 2.03 -8.30 -23.11
N THR A 57 2.80 -7.21 -23.03
CA THR A 57 2.90 -6.45 -21.79
C THR A 57 1.87 -5.34 -21.68
N LEU A 58 0.95 -5.22 -22.63
CA LEU A 58 -0.09 -4.20 -22.54
C LEU A 58 -0.93 -4.40 -21.29
N VAL A 59 -1.41 -3.29 -20.73
CA VAL A 59 -2.21 -3.37 -19.51
C VAL A 59 -3.54 -4.05 -19.79
N GLU A 60 -4.10 -3.86 -20.98
CA GLU A 60 -5.29 -4.61 -21.37
C GLU A 60 -5.01 -6.11 -21.37
N ASN A 61 -3.79 -6.50 -21.75
CA ASN A 61 -3.42 -7.91 -21.72
C ASN A 61 -3.02 -8.34 -20.31
N PHE A 62 -2.28 -7.50 -19.60
CA PHE A 62 -1.70 -7.90 -18.32
C PHE A 62 -2.75 -8.10 -17.25
N LEU A 63 -3.69 -7.17 -17.12
CA LEU A 63 -4.68 -7.23 -16.04
C LEU A 63 -5.91 -8.04 -16.37
N SER A 64 -6.14 -8.41 -17.63
CA SER A 64 -7.37 -9.10 -17.99
C SER A 64 -7.07 -10.59 -18.11
N ARG A 65 -7.50 -11.34 -17.08
CA ARG A 65 -7.42 -12.78 -16.99
C ARG A 65 -8.46 -13.19 -15.96
N ALA A 66 -8.85 -14.45 -15.98
CA ALA A 66 -9.83 -14.94 -15.02
C ALA A 66 -9.12 -15.34 -13.73
N ALA A 67 -9.45 -14.65 -12.65
CA ALA A 67 -8.90 -14.94 -11.33
C ALA A 67 -10.06 -15.20 -10.38
N LEU A 68 -9.74 -15.82 -9.24
CA LEU A 68 -10.76 -16.26 -8.30
C LEU A 68 -11.00 -15.14 -7.30
N VAL A 69 -12.16 -14.49 -7.40
CA VAL A 69 -12.50 -13.45 -6.43
C VAL A 69 -13.12 -14.06 -5.18
N SER A 70 -13.90 -15.13 -5.32
CA SER A 70 -14.64 -15.67 -4.19
C SER A 70 -14.72 -17.18 -4.29
N LYS A 71 -14.56 -17.85 -3.15
CA LYS A 71 -14.75 -19.29 -3.02
C LYS A 71 -15.56 -19.54 -1.75
N ARG A 72 -16.73 -20.13 -1.90
CA ARG A 72 -17.64 -20.32 -0.77
C ARG A 72 -18.22 -21.73 -0.81
N SER A 73 -17.96 -22.51 0.24
CA SER A 73 -18.49 -23.86 0.37
C SER A 73 -19.58 -23.83 1.43
N PHE A 74 -20.81 -24.19 1.05
CA PHE A 74 -21.91 -24.27 1.99
C PHE A 74 -22.54 -25.66 1.91
N GLU A 75 -22.80 -26.25 3.07
CA GLU A 75 -23.36 -27.60 3.14
C GLU A 75 -24.85 -27.57 2.80
N TYR A 76 -25.29 -28.60 2.10
CA TYR A 76 -26.68 -28.72 1.66
C TYR A 76 -27.35 -29.85 2.43
N LYS A 77 -28.22 -29.49 3.36
CA LYS A 77 -28.96 -30.44 4.18
C LYS A 77 -30.29 -29.79 4.58
N ASP A 78 -30.99 -30.44 5.50
CA ASP A 78 -32.19 -29.86 6.09
C ASP A 78 -31.77 -28.80 7.11
N HIS A 79 -32.24 -27.57 6.90
CA HIS A 79 -31.88 -26.46 7.78
C HIS A 79 -33.07 -25.52 7.96
N LYS A 88 -27.83 -20.85 5.42
CA LYS A 88 -28.59 -22.08 5.22
C LYS A 88 -28.98 -22.24 3.76
N ASN A 89 -28.12 -22.90 2.99
CA ASN A 89 -28.29 -23.11 1.56
C ASN A 89 -28.26 -21.82 0.76
N PHE A 90 -27.66 -20.76 1.31
CA PHE A 90 -27.41 -19.54 0.56
C PHE A 90 -26.29 -18.78 1.26
N PHE A 91 -25.67 -17.87 0.52
CA PHE A 91 -24.66 -17.00 1.10
C PHE A 91 -24.72 -15.65 0.42
N LYS A 92 -24.41 -14.60 1.17
CA LYS A 92 -24.36 -13.24 0.66
C LYS A 92 -22.93 -12.73 0.79
N TRP A 93 -22.28 -12.52 -0.35
CA TRP A 93 -20.92 -12.07 -0.37
C TRP A 93 -20.89 -10.62 -0.82
N THR A 94 -20.40 -9.75 0.04
CA THR A 94 -20.13 -8.37 -0.34
C THR A 94 -18.92 -8.32 -1.26
N ILE A 95 -19.09 -7.72 -2.43
CA ILE A 95 -18.13 -7.87 -3.51
C ILE A 95 -16.90 -7.02 -3.23
N ASN A 96 -15.73 -7.66 -3.25
CA ASN A 96 -14.46 -6.95 -3.19
C ASN A 96 -13.39 -7.79 -3.88
N THR A 97 -12.36 -7.11 -4.36
CA THR A 97 -11.21 -7.76 -4.99
C THR A 97 -10.07 -7.97 -4.01
N ARG A 98 -10.26 -7.65 -2.73
CA ARG A 98 -9.18 -7.77 -1.75
C ARG A 98 -9.13 -9.18 -1.16
N SER A 99 -10.00 -10.07 -1.62
CA SER A 99 -10.18 -11.35 -0.95
C SER A 99 -8.99 -12.27 -1.16
N PHE A 100 -8.61 -12.49 -2.41
CA PHE A 100 -7.51 -13.38 -2.76
C PHE A 100 -6.29 -12.60 -3.21
N VAL A 101 -5.14 -12.91 -2.61
CA VAL A 101 -3.95 -12.09 -2.75
C VAL A 101 -3.31 -12.15 -4.13
N GLN A 102 -3.64 -13.18 -4.93
CA GLN A 102 -3.06 -13.27 -6.27
C GLN A 102 -3.58 -12.15 -7.16
N LEU A 103 -4.90 -12.00 -7.25
CA LEU A 103 -5.49 -10.93 -8.02
C LEU A 103 -5.33 -9.57 -7.33
N ARG A 104 -5.39 -9.56 -5.99
CA ARG A 104 -5.32 -8.31 -5.25
C ARG A 104 -4.01 -7.58 -5.51
N ARG A 105 -2.89 -8.29 -5.45
CA ARG A 105 -1.59 -7.65 -5.60
C ARG A 105 -1.37 -7.14 -7.01
N LYS A 106 -2.00 -7.78 -8.00
CA LYS A 106 -1.83 -7.34 -9.38
C LYS A 106 -2.67 -6.10 -9.66
N LEU A 107 -3.89 -6.04 -9.13
CA LEU A 107 -4.72 -4.86 -9.31
C LEU A 107 -4.20 -3.64 -8.55
N GLU A 108 -3.41 -3.85 -7.50
CA GLU A 108 -2.86 -2.75 -6.73
C GLU A 108 -1.60 -2.16 -7.36
N LEU A 109 -1.18 -2.65 -8.52
CA LEU A 109 -0.09 -2.01 -9.24
C LEU A 109 -0.50 -0.67 -9.84
N PHE A 110 -1.78 -0.31 -9.77
CA PHE A 110 -2.29 0.93 -10.33
C PHE A 110 -3.18 1.63 -9.31
N THR A 111 -3.20 2.97 -9.36
CA THR A 111 -4.00 3.72 -8.42
C THR A 111 -5.47 3.73 -8.80
N TYR A 112 -5.77 4.01 -10.08
CA TYR A 112 -7.13 4.05 -10.57
C TYR A 112 -7.30 3.08 -11.73
N LEU A 113 -8.50 2.50 -11.83
CA LEU A 113 -8.81 1.53 -12.87
C LEU A 113 -10.23 1.75 -13.35
N ARG A 114 -10.43 1.64 -14.66
CA ARG A 114 -11.75 1.68 -15.28
C ARG A 114 -11.87 0.44 -16.16
N PHE A 115 -12.75 -0.48 -15.80
CA PHE A 115 -12.84 -1.74 -16.53
C PHE A 115 -14.23 -2.33 -16.34
N ASP A 116 -14.57 -3.25 -17.24
CA ASP A 116 -15.82 -4.00 -17.20
C ASP A 116 -15.54 -5.41 -16.71
N ALA A 117 -16.30 -5.86 -15.72
CA ALA A 117 -16.09 -7.17 -15.14
C ALA A 117 -16.87 -8.22 -15.94
N GLU A 118 -16.21 -9.34 -16.22
CA GLU A 118 -16.85 -10.51 -16.79
C GLU A 118 -16.80 -11.61 -15.73
N ILE A 119 -17.96 -11.93 -15.16
CA ILE A 119 -18.05 -12.82 -14.00
C ILE A 119 -18.43 -14.20 -14.48
N THR A 120 -17.79 -15.22 -13.92
CA THR A 120 -18.07 -16.62 -14.22
C THR A 120 -18.20 -17.38 -12.92
N ILE A 121 -19.18 -18.26 -12.84
CA ILE A 121 -19.48 -19.02 -11.62
C ILE A 121 -19.32 -20.49 -11.93
N LEU A 122 -18.30 -21.11 -11.34
CA LEU A 122 -18.04 -22.54 -11.50
C LEU A 122 -18.60 -23.26 -10.28
N THR A 123 -19.35 -24.33 -10.53
CA THR A 123 -20.05 -25.06 -9.48
C THR A 123 -19.59 -26.51 -9.46
N THR A 124 -19.36 -27.03 -8.27
CA THR A 124 -18.97 -28.43 -8.08
C THR A 124 -19.66 -29.00 -6.85
N VAL A 125 -19.88 -30.31 -6.88
CA VAL A 125 -20.56 -31.02 -5.80
C VAL A 125 -19.65 -32.12 -5.30
N ALA A 126 -19.64 -32.33 -3.99
CA ALA A 126 -18.77 -33.32 -3.36
C ALA A 126 -19.55 -34.15 -2.35
N VAL A 127 -18.94 -35.23 -1.90
CA VAL A 127 -19.57 -36.15 -0.96
C VAL A 127 -19.04 -35.85 0.44
N ASN A 128 -19.95 -35.76 1.41
CA ASN A 128 -19.54 -35.55 2.79
C ASN A 128 -19.05 -36.86 3.41
N GLY A 129 -18.11 -36.73 4.34
CA GLY A 129 -17.58 -37.87 5.05
C GLY A 129 -18.20 -38.06 6.42
N TYR A 135 -21.24 -44.70 -2.13
CA TYR A 135 -21.63 -43.74 -3.15
C TYR A 135 -22.89 -44.19 -3.89
N VAL A 136 -23.73 -43.22 -4.25
CA VAL A 136 -24.96 -43.49 -4.99
C VAL A 136 -24.95 -42.69 -6.29
N GLY A 137 -24.97 -41.36 -6.17
CA GLY A 137 -24.93 -40.52 -7.35
C GLY A 137 -24.73 -39.07 -6.97
N LEU A 138 -24.25 -38.30 -7.94
CA LEU A 138 -24.08 -36.86 -7.76
C LEU A 138 -25.31 -36.15 -8.29
N PRO A 139 -26.07 -35.45 -7.44
CA PRO A 139 -27.31 -34.81 -7.91
C PRO A 139 -27.01 -33.61 -8.79
N ASP A 140 -28.00 -33.27 -9.62
CA ASP A 140 -27.94 -32.08 -10.46
C ASP A 140 -28.83 -31.02 -9.80
N LEU A 141 -28.22 -29.99 -9.27
CA LEU A 141 -28.92 -28.95 -8.53
C LEU A 141 -28.98 -27.67 -9.36
N THR A 142 -30.06 -26.92 -9.19
CA THR A 142 -30.23 -25.63 -9.86
C THR A 142 -29.91 -24.51 -8.87
N LEU A 143 -29.00 -23.63 -9.26
CA LEU A 143 -28.55 -22.54 -8.41
C LEU A 143 -28.95 -21.20 -9.02
N GLN A 144 -29.28 -20.24 -8.16
CA GLN A 144 -29.57 -18.88 -8.57
C GLN A 144 -28.51 -17.94 -8.01
N ALA A 145 -28.00 -17.05 -8.85
CA ALA A 145 -27.08 -16.01 -8.43
C ALA A 145 -27.71 -14.67 -8.75
N MET A 146 -28.06 -13.92 -7.70
CA MET A 146 -28.72 -12.63 -7.86
C MET A 146 -27.76 -11.53 -7.44
N PHE A 147 -27.75 -10.44 -8.20
CA PHE A 147 -26.86 -9.31 -7.93
C PHE A 147 -27.66 -8.20 -7.26
N VAL A 148 -27.36 -7.95 -6.00
CA VAL A 148 -28.10 -6.98 -5.19
C VAL A 148 -27.28 -5.71 -5.11
N PRO A 149 -27.72 -4.61 -5.72
CA PRO A 149 -26.98 -3.35 -5.60
C PRO A 149 -27.00 -2.82 -4.17
N THR A 150 -26.09 -1.88 -3.92
CA THR A 150 -26.00 -1.26 -2.60
C THR A 150 -27.28 -0.50 -2.26
N GLY A 151 -27.77 -0.70 -1.04
CA GLY A 151 -28.95 -0.02 -0.57
C GLY A 151 -30.25 -0.77 -0.75
N ALA A 152 -30.22 -1.99 -1.26
CA ALA A 152 -31.41 -2.79 -1.44
C ALA A 152 -31.58 -3.75 -0.26
N LEU A 153 -32.67 -4.52 -0.29
CA LEU A 153 -32.99 -5.46 0.77
C LEU A 153 -32.30 -6.79 0.49
N THR A 154 -31.60 -7.33 1.49
CA THR A 154 -30.85 -8.56 1.35
C THR A 154 -31.69 -9.75 1.82
N PRO A 155 -31.77 -10.80 1.00
CA PRO A 155 -32.54 -11.99 1.40
C PRO A 155 -31.97 -12.63 2.65
N GLU A 156 -32.85 -12.89 3.62
CA GLU A 156 -32.47 -13.56 4.86
C GLU A 156 -32.77 -15.05 4.85
N LYS A 157 -33.40 -15.58 3.79
CA LYS A 157 -33.75 -16.98 3.71
C LYS A 157 -33.68 -17.45 2.27
N GLN A 158 -33.61 -18.77 2.10
CA GLN A 158 -33.64 -19.36 0.76
C GLN A 158 -34.99 -19.13 0.10
N ASP A 159 -36.07 -19.44 0.81
CA ASP A 159 -37.42 -19.34 0.29
C ASP A 159 -38.06 -17.98 0.54
N SER A 160 -37.29 -17.01 1.04
CA SER A 160 -37.85 -15.71 1.39
C SER A 160 -38.33 -14.97 0.15
N PHE A 161 -39.21 -13.98 0.39
CA PHE A 161 -39.81 -13.23 -0.70
C PHE A 161 -38.78 -12.38 -1.45
N HIS A 162 -37.60 -12.18 -0.88
CA HIS A 162 -36.64 -11.28 -1.51
C HIS A 162 -36.02 -11.91 -2.75
N TRP A 163 -36.26 -13.21 -2.97
CA TRP A 163 -35.69 -13.88 -4.14
C TRP A 163 -36.60 -13.79 -5.37
N GLN A 164 -37.75 -13.13 -5.27
CA GLN A 164 -38.59 -12.95 -6.45
C GLN A 164 -37.84 -12.20 -7.54
N SER A 165 -37.17 -11.11 -7.17
CA SER A 165 -36.23 -10.39 -8.03
C SER A 165 -36.88 -9.94 -9.33
N GLY A 166 -37.86 -9.05 -9.18
CA GLY A 166 -38.42 -8.41 -10.36
C GLY A 166 -37.45 -7.48 -11.03
N SER A 167 -36.95 -6.49 -10.28
CA SER A 167 -36.03 -5.51 -10.85
C SER A 167 -34.59 -6.02 -10.85
N ASN A 168 -34.19 -6.76 -9.83
CA ASN A 168 -32.80 -7.18 -9.70
C ASN A 168 -32.39 -8.11 -10.84
N ALA A 169 -31.09 -8.16 -11.09
CA ALA A 169 -30.53 -9.03 -12.12
C ALA A 169 -30.17 -10.37 -11.48
N SER A 170 -30.81 -11.43 -11.96
CA SER A 170 -30.56 -12.78 -11.47
C SER A 170 -30.15 -13.66 -12.63
N VAL A 171 -29.59 -14.83 -12.31
CA VAL A 171 -29.22 -15.82 -13.31
C VAL A 171 -29.47 -17.20 -12.72
N PHE A 172 -30.00 -18.10 -13.55
CA PHE A 172 -30.26 -19.48 -13.16
C PHE A 172 -29.36 -20.39 -13.97
N PHE A 173 -28.74 -21.35 -13.30
CA PHE A 173 -27.82 -22.27 -13.95
C PHE A 173 -27.80 -23.58 -13.19
N LYS A 174 -27.46 -24.65 -13.90
CA LYS A 174 -27.40 -25.98 -13.31
C LYS A 174 -25.94 -26.35 -13.05
N ILE A 175 -25.76 -27.52 -12.44
CA ILE A 175 -24.40 -28.03 -12.22
C ILE A 175 -23.87 -28.69 -13.48
N SER A 176 -24.74 -29.37 -14.23
CA SER A 176 -24.30 -30.06 -15.44
C SER A 176 -24.00 -29.08 -16.57
N ASP A 177 -24.74 -27.98 -16.66
CA ASP A 177 -24.53 -27.02 -17.73
C ASP A 177 -23.15 -26.38 -17.62
N PRO A 178 -22.65 -25.80 -18.71
CA PRO A 178 -21.40 -25.06 -18.66
C PRO A 178 -21.48 -23.91 -17.65
N PRO A 179 -20.34 -23.43 -17.17
CA PRO A 179 -20.37 -22.39 -16.13
C PRO A 179 -21.16 -21.16 -16.56
N ALA A 180 -21.94 -20.63 -15.63
CA ALA A 180 -22.70 -19.42 -15.90
C ALA A 180 -21.78 -18.22 -16.00
N ARG A 181 -22.03 -17.37 -16.99
CA ARG A 181 -21.18 -16.21 -17.26
C ARG A 181 -22.02 -15.00 -17.61
N ILE A 182 -21.77 -13.89 -16.92
CA ILE A 182 -22.43 -12.62 -17.19
C ILE A 182 -21.38 -11.52 -17.22
N THR A 183 -21.77 -10.36 -17.72
CA THR A 183 -20.89 -9.20 -17.80
C THR A 183 -21.44 -8.10 -16.89
N ILE A 184 -20.56 -7.48 -16.12
CA ILE A 184 -20.92 -6.40 -15.21
C ILE A 184 -20.28 -5.11 -15.73
N PRO A 185 -21.07 -4.09 -16.05
CA PRO A 185 -20.51 -2.83 -16.53
C PRO A 185 -19.76 -2.09 -15.43
N PHE A 186 -19.03 -1.06 -15.83
CA PHE A 186 -18.36 -0.21 -14.87
C PHE A 186 -19.42 0.65 -14.21
N MET A 187 -19.67 0.41 -12.92
CA MET A 187 -20.76 1.07 -12.22
C MET A 187 -20.34 2.21 -11.29
N CYS A 188 -19.05 2.48 -11.15
CA CYS A 188 -18.62 3.46 -10.17
C CYS A 188 -19.23 4.82 -10.48
N ILE A 189 -19.57 5.56 -9.42
CA ILE A 189 -20.14 6.89 -9.60
C ILE A 189 -19.09 7.87 -10.09
N ASN A 190 -17.82 7.50 -10.07
CA ASN A 190 -16.72 8.33 -10.53
C ASN A 190 -16.24 7.83 -11.89
N SER A 191 -15.21 8.49 -12.42
CA SER A 191 -14.70 8.13 -13.73
C SER A 191 -13.91 6.83 -13.72
N ALA A 192 -13.40 6.41 -12.56
CA ALA A 192 -12.67 5.16 -12.45
C ALA A 192 -12.70 4.71 -11.00
N TYR A 193 -12.42 3.42 -10.79
CA TYR A 193 -12.35 2.90 -9.43
C TYR A 193 -11.15 3.49 -8.70
N SER A 194 -11.25 3.52 -7.38
CA SER A 194 -10.15 3.89 -6.52
C SER A 194 -9.64 2.63 -5.84
N VAL A 195 -8.45 2.19 -6.24
CA VAL A 195 -7.85 1.02 -5.60
C VAL A 195 -7.37 1.37 -4.20
N PHE A 196 -6.67 2.49 -4.07
CA PHE A 196 -6.24 3.03 -2.79
C PHE A 196 -6.98 4.33 -2.55
N TYR A 197 -7.64 4.45 -1.41
CA TYR A 197 -8.43 5.61 -1.05
C TYR A 197 -7.96 6.12 0.30
N ASP A 198 -7.40 7.33 0.31
CA ASP A 198 -6.87 7.92 1.53
C ASP A 198 -7.91 8.91 2.05
N GLY A 199 -8.60 8.52 3.11
CA GLY A 199 -9.65 9.35 3.65
C GLY A 199 -10.76 8.50 4.24
N PHE A 200 -11.90 9.15 4.46
CA PHE A 200 -13.05 8.54 5.10
C PHE A 200 -14.29 8.88 4.30
N ALA A 201 -15.24 7.94 4.25
CA ALA A 201 -16.43 8.14 3.42
C ALA A 201 -17.43 9.06 4.11
N GLY A 202 -17.69 8.84 5.40
CA GLY A 202 -18.69 9.60 6.11
C GLY A 202 -18.23 11.00 6.48
N PHE A 203 -19.19 11.92 6.56
CA PHE A 203 -18.93 13.28 6.99
C PHE A 203 -18.67 13.39 8.49
N GLU A 204 -18.90 12.32 9.24
CA GLU A 204 -18.66 12.30 10.67
C GLU A 204 -17.48 11.35 10.95
N LYS A 205 -17.10 11.24 12.22
CA LYS A 205 -15.97 10.39 12.58
C LYS A 205 -16.28 8.90 12.48
N ASN A 206 -17.54 8.54 12.19
CA ASN A 206 -17.91 7.13 12.13
C ASN A 206 -17.37 6.42 10.89
N GLY A 207 -16.84 7.15 9.91
CA GLY A 207 -16.35 6.54 8.69
C GLY A 207 -15.13 5.67 8.93
N LEU A 208 -14.87 4.81 7.95
CA LEU A 208 -13.74 3.90 7.99
C LEU A 208 -12.64 4.36 7.04
N TYR A 209 -11.40 4.12 7.43
CA TYR A 209 -10.27 4.57 6.65
C TYR A 209 -10.06 3.66 5.44
N GLY A 210 -10.05 4.26 4.26
CA GLY A 210 -9.94 3.50 3.03
C GLY A 210 -11.30 3.09 2.50
N ILE A 211 -11.26 2.29 1.43
CA ILE A 211 -12.48 1.74 0.88
C ILE A 211 -13.13 0.78 1.87
N ASN A 212 -14.43 0.92 2.04
CA ASN A 212 -15.18 0.03 2.93
C ASN A 212 -16.15 -0.82 2.11
N PRO A 213 -16.47 -2.02 2.57
CA PRO A 213 -17.45 -2.87 1.87
C PRO A 213 -18.86 -2.33 1.97
N ALA A 214 -19.06 -1.13 1.45
CA ALA A 214 -20.35 -0.45 1.55
C ALA A 214 -20.84 0.00 0.18
N ASP A 215 -20.19 1.03 -0.37
CA ASP A 215 -20.53 1.58 -1.69
C ASP A 215 -20.31 0.61 -2.85
N THR A 216 -19.22 -0.13 -2.77
CA THR A 216 -18.49 -0.71 -3.89
C THR A 216 -19.22 -1.96 -4.39
N ILE A 217 -19.83 -1.86 -5.57
CA ILE A 217 -20.28 -2.98 -6.38
C ILE A 217 -21.44 -3.74 -5.72
N GLY A 218 -21.70 -3.46 -4.45
CA GLY A 218 -22.82 -4.10 -3.77
C GLY A 218 -22.59 -5.54 -3.35
N ASN A 219 -23.62 -6.38 -3.47
CA ASN A 219 -23.59 -7.74 -2.97
C ASN A 219 -23.91 -8.74 -4.09
N LEU A 220 -23.59 -10.00 -3.83
CA LEU A 220 -23.93 -11.11 -4.71
C LEU A 220 -24.52 -12.23 -3.86
N CYS A 221 -25.78 -12.56 -4.09
CA CYS A 221 -26.48 -13.59 -3.34
C CYS A 221 -26.65 -14.83 -4.21
N VAL A 222 -26.28 -15.99 -3.67
CA VAL A 222 -26.36 -17.25 -4.38
C VAL A 222 -27.05 -18.27 -3.49
N ARG A 223 -27.99 -19.02 -4.05
CA ARG A 223 -28.69 -20.08 -3.33
C ARG A 223 -28.90 -21.27 -4.27
N ILE A 224 -29.30 -22.39 -3.68
CA ILE A 224 -29.77 -23.54 -4.44
C ILE A 224 -31.29 -23.45 -4.56
N VAL A 225 -31.79 -23.46 -5.81
CA VAL A 225 -33.20 -23.20 -6.05
C VAL A 225 -34.08 -24.32 -5.51
N ASN A 226 -33.59 -25.56 -5.58
CA ASN A 226 -34.37 -26.69 -5.09
C ASN A 226 -34.49 -26.64 -3.57
N GLU A 227 -35.49 -27.36 -3.06
CA GLU A 227 -35.64 -27.55 -1.62
C GLU A 227 -34.57 -28.55 -1.15
N HIS A 228 -34.68 -28.99 0.11
CA HIS A 228 -33.62 -29.79 0.70
C HIS A 228 -33.89 -31.27 0.41
N GLN A 229 -33.09 -31.83 -0.48
CA GLN A 229 -33.09 -33.22 -0.97
C GLN A 229 -31.97 -33.29 -2.00
N PRO A 230 -31.18 -34.38 -2.00
CA PRO A 230 -31.10 -35.56 -1.14
C PRO A 230 -30.26 -35.33 0.12
N VAL A 231 -29.93 -36.44 0.80
CA VAL A 231 -29.08 -36.42 1.99
C VAL A 231 -27.78 -35.70 1.66
N GLY A 232 -27.20 -35.02 2.65
CA GLY A 232 -26.21 -33.98 2.44
C GLY A 232 -25.02 -34.24 1.54
N PHE A 233 -24.76 -33.28 0.66
CA PHE A 233 -23.55 -33.20 -0.15
C PHE A 233 -22.94 -31.82 0.04
N THR A 234 -21.67 -31.68 -0.35
CA THR A 234 -20.95 -30.42 -0.26
C THR A 234 -20.99 -29.72 -1.61
N VAL A 235 -21.50 -28.50 -1.63
CA VAL A 235 -21.57 -27.69 -2.84
C VAL A 235 -20.65 -26.49 -2.65
N THR A 236 -19.61 -26.41 -3.47
CA THR A 236 -18.66 -25.30 -3.44
C THR A 236 -18.87 -24.43 -4.67
N VAL A 237 -19.06 -23.13 -4.44
CA VAL A 237 -19.26 -22.16 -5.52
C VAL A 237 -18.01 -21.29 -5.62
N ARG A 238 -17.37 -21.34 -6.78
CA ARG A 238 -16.21 -20.51 -7.07
C ARG A 238 -16.62 -19.43 -8.06
N VAL A 239 -16.20 -18.20 -7.80
CA VAL A 239 -16.57 -17.05 -8.63
C VAL A 239 -15.29 -16.48 -9.25
N TYR A 240 -15.32 -16.28 -10.56
CA TYR A 240 -14.19 -15.79 -11.33
C TYR A 240 -14.52 -14.44 -11.94
N MET A 241 -13.50 -13.59 -12.08
CA MET A 241 -13.67 -12.27 -12.67
C MET A 241 -12.55 -12.02 -13.67
N LYS A 242 -12.91 -11.71 -14.90
CA LYS A 242 -11.94 -11.30 -15.91
C LYS A 242 -12.25 -9.87 -16.35
N PRO A 243 -11.42 -8.90 -16.03
CA PRO A 243 -11.67 -7.53 -16.48
C PRO A 243 -11.59 -7.41 -17.99
N LYS A 244 -12.15 -6.32 -18.51
CA LYS A 244 -12.06 -6.02 -19.92
C LYS A 244 -12.21 -4.51 -20.10
N HIS A 245 -11.79 -4.02 -21.26
CA HIS A 245 -11.84 -2.59 -21.59
C HIS A 245 -11.09 -1.69 -20.60
N ILE A 246 -9.89 -2.11 -20.21
CA ILE A 246 -9.22 -1.61 -19.02
C ILE A 246 -8.52 -0.29 -19.33
N LYS A 247 -8.66 0.67 -18.42
CA LYS A 247 -7.86 1.89 -18.41
C LYS A 247 -7.22 2.01 -17.04
N ALA A 248 -5.91 2.27 -17.02
CA ALA A 248 -5.15 2.32 -15.78
C ALA A 248 -4.36 3.61 -15.68
N TRP A 249 -4.20 4.10 -14.44
CA TRP A 249 -3.53 5.36 -14.19
C TRP A 249 -2.63 5.23 -12.96
N ALA A 250 -1.54 6.00 -12.97
CA ALA A 250 -0.66 6.19 -11.82
C ALA A 250 -0.19 4.88 -11.21
N PRO A 251 0.76 4.17 -11.85
CA PRO A 251 1.22 2.90 -11.28
C PRO A 251 1.87 3.10 -9.92
N ARG A 252 1.94 2.02 -9.14
CA ARG A 252 2.38 2.09 -7.74
C ARG A 252 3.34 0.95 -7.43
N PRO A 253 4.18 1.12 -6.41
CA PRO A 253 5.14 0.09 -6.06
C PRO A 253 4.42 -1.21 -5.74
N PRO A 254 4.95 -2.34 -6.21
CA PRO A 254 4.36 -3.62 -5.85
C PRO A 254 4.53 -3.91 -4.37
N ARG A 255 3.49 -4.45 -3.75
CA ARG A 255 3.56 -4.75 -2.33
C ARG A 255 4.53 -5.90 -2.07
N THR A 256 5.26 -5.79 -0.96
CA THR A 256 6.25 -6.78 -0.56
C THR A 256 5.76 -7.61 0.63
N LEU A 257 5.51 -6.98 1.76
CA LEU A 257 5.11 -7.71 2.96
C LEU A 257 3.76 -8.39 2.75
N PRO A 258 3.49 -9.49 3.44
CA PRO A 258 2.20 -10.16 3.30
C PRO A 258 1.05 -9.30 3.80
N TYR A 259 -0.16 -9.66 3.37
CA TYR A 259 -1.36 -8.98 3.80
C TYR A 259 -1.80 -9.47 5.18
N MET A 260 -2.52 -8.61 5.89
CA MET A 260 -3.12 -8.98 7.17
C MET A 260 -4.64 -8.97 7.10
N SER A 261 -5.25 -7.83 6.84
CA SER A 261 -6.69 -7.71 6.69
C SER A 261 -7.03 -7.28 5.27
N ILE A 262 -8.26 -7.61 4.83
CA ILE A 262 -8.69 -7.21 3.50
C ILE A 262 -9.26 -5.79 3.47
N ALA A 263 -9.59 -5.22 4.63
CA ALA A 263 -10.17 -3.89 4.71
C ALA A 263 -9.14 -2.80 4.83
N ASN A 264 -7.86 -3.14 5.03
CA ASN A 264 -6.82 -2.14 5.21
C ASN A 264 -5.50 -2.70 4.67
N ALA A 265 -4.47 -1.85 4.71
CA ALA A 265 -3.16 -2.17 4.20
C ALA A 265 -2.20 -2.66 5.27
N ASN A 266 -2.68 -2.87 6.49
CA ASN A 266 -1.80 -3.14 7.63
C ASN A 266 -0.86 -4.30 7.35
N TYR A 267 0.37 -4.17 7.84
CA TYR A 267 1.46 -5.09 7.52
C TYR A 267 2.13 -5.59 8.79
N LYS A 268 2.77 -6.74 8.67
CA LYS A 268 3.56 -7.30 9.76
C LYS A 268 4.94 -7.67 9.27
N GLY A 269 5.01 -8.61 8.35
CA GLY A 269 6.27 -9.10 7.84
C GLY A 269 6.63 -10.45 8.43
N LYS A 270 7.38 -11.22 7.66
CA LYS A 270 7.78 -12.55 8.11
C LYS A 270 8.86 -12.43 9.19
N GLU A 271 9.28 -13.58 9.71
CA GLU A 271 10.31 -13.59 10.74
C GLU A 271 11.70 -13.35 10.15
N ARG A 272 12.01 -14.05 9.05
CA ARG A 272 13.31 -13.94 8.40
C ARG A 272 13.09 -13.57 6.94
N ALA A 273 14.13 -13.00 6.34
CA ALA A 273 14.12 -12.68 4.91
C ALA A 273 14.04 -13.97 4.09
N PRO A 274 13.46 -13.90 2.89
CA PRO A 274 12.90 -12.74 2.19
C PRO A 274 11.57 -12.26 2.76
N ASN A 275 11.16 -11.05 2.38
CA ASN A 275 9.89 -10.45 2.77
C ASN A 275 9.78 -10.24 4.27
N ALA A 276 10.91 -10.15 4.96
CA ALA A 276 10.90 -9.70 6.34
C ALA A 276 10.72 -8.19 6.40
N LEU A 277 10.33 -7.70 7.57
CA LEU A 277 10.10 -6.27 7.75
C LEU A 277 11.38 -5.48 7.50
N SER A 278 12.48 -5.90 8.13
CA SER A 278 13.75 -5.19 7.97
C SER A 278 14.44 -5.54 6.66
N ALA A 279 14.23 -6.76 6.14
CA ALA A 279 14.94 -7.23 4.97
C ALA A 279 13.95 -7.83 3.98
N ILE A 280 13.81 -7.20 2.82
CA ILE A 280 12.97 -7.78 1.78
C ILE A 280 13.72 -8.84 0.98
N ILE A 281 14.97 -8.59 0.64
CA ILE A 281 15.77 -9.53 -0.13
C ILE A 281 16.59 -10.39 0.83
N GLY A 282 16.68 -11.68 0.50
CA GLY A 282 17.45 -12.58 1.34
C GLY A 282 18.90 -12.15 1.45
N ASN A 283 19.45 -12.31 2.65
CA ASN A 283 20.75 -11.77 2.99
C ASN A 283 21.87 -12.62 2.38
N ARG A 284 23.02 -11.97 2.22
CA ARG A 284 24.25 -12.63 1.82
C ARG A 284 25.37 -12.20 2.75
N ASP A 285 26.51 -12.89 2.65
CA ASP A 285 27.61 -12.66 3.58
C ASP A 285 28.09 -11.20 3.53
N SER A 286 28.50 -10.75 2.34
CA SER A 286 28.97 -9.40 2.17
C SER A 286 28.79 -8.99 0.72
N VAL A 287 28.85 -7.68 0.48
CA VAL A 287 28.72 -7.16 -0.88
C VAL A 287 29.86 -7.62 -1.77
N LYS A 288 30.94 -8.13 -1.18
CA LYS A 288 32.06 -8.69 -1.92
C LYS A 288 31.98 -10.19 -2.08
N THR A 289 30.95 -10.83 -1.53
CA THR A 289 30.86 -12.29 -1.48
C THR A 289 30.03 -12.79 -2.65
N MET A 290 30.65 -13.67 -3.46
CA MET A 290 30.00 -14.36 -4.58
C MET A 290 31.01 -15.30 -5.24
N PRO A 291 30.60 -16.54 -5.56
CA PRO A 291 31.49 -17.47 -6.28
C PRO A 291 31.81 -16.99 -7.69
N GLY B 1 -33.27 -25.91 -39.51
CA GLY B 1 -32.31 -24.89 -39.15
C GLY B 1 -30.91 -25.16 -39.69
N VAL B 2 -29.90 -24.63 -39.00
CA VAL B 2 -28.51 -24.75 -39.41
C VAL B 2 -27.95 -26.02 -38.78
N PRO B 3 -27.57 -27.03 -39.57
CA PRO B 3 -26.97 -28.23 -38.98
C PRO B 3 -25.58 -27.92 -38.44
N THR B 4 -25.33 -28.36 -37.20
CA THR B 4 -24.05 -28.12 -36.54
C THR B 4 -23.60 -29.38 -35.83
N TYR B 5 -22.35 -29.38 -35.40
CA TYR B 5 -21.81 -30.44 -34.56
C TYR B 5 -20.78 -29.84 -33.61
N LEU B 6 -20.73 -30.35 -32.39
CA LEU B 6 -19.84 -29.81 -31.39
C LEU B 6 -18.40 -30.20 -31.66
N LEU B 7 -17.48 -29.40 -31.13
CA LEU B 7 -16.05 -29.65 -31.21
C LEU B 7 -15.48 -29.94 -29.83
N PRO B 8 -14.35 -30.63 -29.76
CA PRO B 8 -13.64 -30.73 -28.48
C PRO B 8 -13.33 -29.34 -27.94
N GLY B 9 -13.38 -29.20 -26.62
CA GLY B 9 -13.33 -27.88 -26.02
C GLY B 9 -14.68 -27.21 -25.95
N SER B 10 -15.77 -27.95 -26.04
CA SER B 10 -17.11 -27.41 -25.91
C SER B 10 -17.47 -27.33 -24.43
N GLY B 11 -17.94 -26.16 -24.01
CA GLY B 11 -18.33 -25.96 -22.62
C GLY B 11 -17.19 -25.76 -21.65
N GLN B 12 -15.94 -25.86 -22.11
CA GLN B 12 -14.81 -25.68 -21.22
C GLN B 12 -14.69 -24.22 -20.81
N PHE B 13 -14.17 -24.00 -19.60
CA PHE B 13 -13.87 -22.66 -19.10
C PHE B 13 -12.36 -22.48 -19.12
N LEU B 14 -11.88 -21.65 -20.03
CA LEU B 14 -10.47 -21.32 -20.15
C LEU B 14 -10.27 -19.91 -19.60
N THR B 15 -9.37 -19.78 -18.63
CA THR B 15 -9.25 -18.50 -17.91
C THR B 15 -8.81 -17.37 -18.83
N THR B 16 -8.04 -17.67 -19.87
CA THR B 16 -7.50 -16.66 -20.76
C THR B 16 -8.32 -16.43 -22.00
N ASP B 17 -9.47 -17.08 -22.14
CA ASP B 17 -10.23 -16.99 -23.38
C ASP B 17 -10.78 -15.57 -23.59
N ASP B 18 -11.11 -15.27 -24.84
CA ASP B 18 -11.62 -13.96 -25.22
C ASP B 18 -12.96 -14.18 -25.92
N HIS B 19 -14.04 -13.75 -25.26
CA HIS B 19 -15.38 -13.87 -25.81
C HIS B 19 -16.24 -12.77 -25.23
N SER B 20 -17.36 -12.49 -25.90
CA SER B 20 -18.35 -11.55 -25.40
C SER B 20 -19.42 -12.31 -24.63
N SER B 21 -19.87 -11.72 -23.53
CA SER B 21 -20.80 -12.39 -22.62
C SER B 21 -22.01 -11.49 -22.38
N ALA B 22 -23.06 -12.11 -21.84
CA ALA B 22 -24.34 -11.44 -21.71
C ALA B 22 -24.27 -10.35 -20.64
N PRO B 23 -24.69 -9.12 -20.94
CA PRO B 23 -24.66 -8.08 -19.92
C PRO B 23 -25.76 -8.29 -18.88
N ALA B 24 -25.43 -8.02 -17.62
CA ALA B 24 -26.38 -8.18 -16.55
C ALA B 24 -27.20 -6.93 -16.26
N LEU B 25 -26.82 -5.79 -16.83
CA LEU B 25 -27.51 -4.52 -16.59
C LEU B 25 -27.83 -3.90 -17.95
N PRO B 26 -29.02 -4.18 -18.49
CA PRO B 26 -29.37 -3.62 -19.79
C PRO B 26 -29.50 -2.10 -19.73
N CYS B 27 -29.03 -1.44 -20.79
CA CYS B 27 -29.14 0.01 -20.94
C CYS B 27 -28.51 0.74 -19.77
N PHE B 28 -27.25 0.41 -19.47
CA PHE B 28 -26.54 1.10 -18.41
C PHE B 28 -25.42 1.94 -18.99
N ASN B 29 -25.44 3.23 -18.67
CA ASN B 29 -24.46 4.19 -19.19
C ASN B 29 -23.41 4.50 -18.14
N PRO B 30 -22.16 4.07 -18.33
CA PRO B 30 -21.12 4.37 -17.35
C PRO B 30 -20.83 5.87 -17.28
N THR B 31 -20.15 6.26 -16.20
CA THR B 31 -19.79 7.65 -16.01
C THR B 31 -18.86 8.11 -17.14
N PRO B 32 -19.09 9.30 -17.70
CA PRO B 32 -18.23 9.78 -18.78
C PRO B 32 -16.76 9.80 -18.37
N GLU B 33 -15.91 9.39 -19.30
CA GLU B 33 -14.48 9.33 -19.06
C GLU B 33 -13.92 10.73 -18.85
N MET B 34 -13.08 10.87 -17.83
CA MET B 34 -12.43 12.13 -17.50
C MET B 34 -10.93 11.97 -17.67
N HIS B 35 -10.27 13.01 -18.19
CA HIS B 35 -8.82 12.97 -18.31
C HIS B 35 -8.17 12.90 -16.93
N ILE B 36 -7.31 11.89 -16.74
CA ILE B 36 -6.58 11.73 -15.50
C ILE B 36 -5.11 11.57 -15.81
N PRO B 37 -4.21 12.16 -15.03
CA PRO B 37 -2.78 12.05 -15.34
C PRO B 37 -2.23 10.65 -15.09
N GLY B 38 -1.18 10.33 -15.85
CA GLY B 38 -0.43 9.11 -15.61
C GLY B 38 -1.07 7.84 -16.14
N GLN B 39 -1.64 7.87 -17.34
CA GLN B 39 -2.22 6.67 -17.91
C GLN B 39 -1.13 5.72 -18.38
N VAL B 40 -1.20 4.47 -17.93
CA VAL B 40 -0.27 3.42 -18.34
C VAL B 40 -1.01 2.50 -19.29
N ARG B 41 -0.69 2.58 -20.58
CA ARG B 41 -1.29 1.71 -21.57
C ARG B 41 -0.42 0.53 -21.93
N ASN B 42 0.81 0.46 -21.42
CA ASN B 42 1.67 -0.70 -21.59
C ASN B 42 2.60 -0.79 -20.39
N MET B 43 2.87 -2.02 -19.94
CA MET B 43 3.68 -2.20 -18.75
C MET B 43 5.15 -1.87 -18.98
N LEU B 44 5.60 -1.86 -20.24
CA LEU B 44 6.97 -1.46 -20.52
C LEU B 44 7.20 0.02 -20.25
N GLU B 45 6.14 0.80 -20.05
CA GLU B 45 6.31 2.17 -19.60
C GLU B 45 6.80 2.20 -18.15
N VAL B 46 6.42 1.21 -17.35
CA VAL B 46 6.79 1.19 -15.94
C VAL B 46 8.22 0.69 -15.75
N VAL B 47 8.60 -0.35 -16.49
CA VAL B 47 9.89 -0.99 -16.25
C VAL B 47 11.06 -0.09 -16.63
N GLN B 48 10.82 0.97 -17.40
CA GLN B 48 11.88 1.86 -17.83
C GLN B 48 12.17 2.96 -16.83
N VAL B 49 11.50 2.96 -15.69
CA VAL B 49 11.77 3.93 -14.63
C VAL B 49 12.76 3.33 -13.65
N GLU B 50 13.87 4.03 -13.44
CA GLU B 50 14.94 3.52 -12.59
C GLU B 50 14.50 3.46 -11.14
N SER B 51 14.90 2.38 -10.46
CA SER B 51 14.54 2.17 -9.06
C SER B 51 15.74 1.63 -8.31
N MET B 52 15.75 1.86 -7.01
CA MET B 52 16.93 1.57 -6.20
C MET B 52 17.13 0.07 -6.06
N MET B 53 18.34 -0.39 -6.40
CA MET B 53 18.74 -1.76 -6.09
C MET B 53 19.12 -1.84 -4.62
N GLU B 54 18.93 -3.01 -4.03
CA GLU B 54 19.43 -3.27 -2.68
C GLU B 54 20.68 -4.13 -2.85
N ILE B 55 21.84 -3.48 -2.81
CA ILE B 55 23.12 -4.17 -2.91
C ILE B 55 23.62 -4.62 -1.54
N ASN B 56 23.32 -3.86 -0.51
CA ASN B 56 23.93 -3.99 0.81
C ASN B 56 23.29 -5.08 1.64
N ASN B 57 22.36 -5.86 1.07
CA ASN B 57 21.64 -6.86 1.83
C ASN B 57 22.61 -7.80 2.55
N THR B 58 22.50 -7.83 3.87
CA THR B 58 23.32 -8.65 4.76
C THR B 58 22.54 -8.83 6.05
N GLU B 59 23.13 -9.56 6.99
CA GLU B 59 22.53 -9.67 8.31
C GLU B 59 22.86 -8.48 9.20
N SER B 60 23.92 -7.72 8.89
CA SER B 60 24.30 -6.57 9.68
C SER B 60 23.67 -5.27 9.17
N ALA B 61 23.01 -5.28 8.02
CA ALA B 61 22.32 -4.12 7.49
C ALA B 61 20.83 -4.27 7.72
N VAL B 62 20.23 -3.31 8.42
CA VAL B 62 18.84 -3.39 8.84
C VAL B 62 18.08 -2.21 8.26
N GLY B 63 16.92 -2.51 7.65
CA GLY B 63 16.04 -1.44 7.20
C GLY B 63 16.60 -0.72 5.99
N MET B 64 16.57 0.61 6.05
CA MET B 64 16.97 1.44 4.92
C MET B 64 18.46 1.38 4.61
N GLU B 65 19.29 0.94 5.56
CA GLU B 65 20.73 0.89 5.31
C GLU B 65 21.09 -0.07 4.18
N ARG B 66 20.14 -0.86 3.71
CA ARG B 66 20.38 -1.89 2.72
C ARG B 66 20.42 -1.35 1.30
N LEU B 67 20.02 -0.11 1.09
CA LEU B 67 19.94 0.47 -0.24
C LEU B 67 21.16 1.29 -0.63
N LYS B 68 22.13 1.45 0.27
CA LYS B 68 23.33 2.21 -0.02
C LYS B 68 24.55 1.33 0.22
N VAL B 69 25.64 1.65 -0.48
CA VAL B 69 26.88 0.90 -0.38
C VAL B 69 27.95 1.82 0.18
N ASP B 70 28.54 1.42 1.32
CA ASP B 70 29.54 2.23 1.97
C ASP B 70 30.84 2.23 1.18
N ILE B 71 31.30 3.42 0.80
CA ILE B 71 32.56 3.60 0.08
C ILE B 71 33.52 4.33 1.01
N SER B 72 34.57 3.64 1.44
CA SER B 72 35.54 4.20 2.36
C SER B 72 36.89 4.29 1.68
N ALA B 73 37.69 5.25 2.14
CA ALA B 73 39.04 5.41 1.64
C ALA B 73 39.86 4.17 1.98
N LEU B 74 40.48 3.58 0.96
CA LEU B 74 41.23 2.33 1.12
C LEU B 74 42.73 2.60 1.00
N THR B 75 43.51 1.83 1.75
CA THR B 75 44.95 1.99 1.80
C THR B 75 45.68 1.14 0.77
N ASP B 76 44.98 0.35 -0.01
CA ASP B 76 45.58 -0.51 -1.03
C ASP B 76 44.94 -0.23 -2.39
N VAL B 77 45.76 -0.29 -3.43
CA VAL B 77 45.28 0.00 -4.77
C VAL B 77 44.52 -1.19 -5.32
N ASP B 78 43.66 -0.91 -6.31
CA ASP B 78 43.03 -1.93 -7.14
C ASP B 78 42.14 -2.86 -6.33
N GLN B 79 41.25 -2.28 -5.52
CA GLN B 79 40.43 -3.05 -4.60
C GLN B 79 38.98 -3.09 -5.10
N LEU B 80 38.35 -4.25 -4.92
CA LEU B 80 36.94 -4.41 -5.26
C LEU B 80 36.07 -3.80 -4.17
N LEU B 81 35.12 -2.96 -4.59
CA LEU B 81 34.13 -2.39 -3.68
C LEU B 81 32.97 -3.34 -3.39
N PHE B 82 32.42 -3.98 -4.42
CA PHE B 82 31.22 -4.79 -4.31
C PHE B 82 30.92 -5.40 -5.66
N ASN B 83 29.96 -6.32 -5.67
CA ASN B 83 29.50 -6.95 -6.89
C ASN B 83 27.99 -7.16 -6.82
N ILE B 84 27.37 -7.22 -7.99
CA ILE B 84 25.92 -7.37 -8.08
C ILE B 84 25.58 -8.67 -8.79
N PRO B 85 25.00 -9.66 -8.11
CA PRO B 85 24.49 -10.83 -8.83
C PRO B 85 23.29 -10.43 -9.68
N LEU B 86 23.31 -10.85 -10.95
CA LEU B 86 22.36 -10.38 -11.94
C LEU B 86 21.14 -11.27 -12.10
N ASP B 87 20.98 -12.30 -11.28
CA ASP B 87 19.85 -13.21 -11.43
C ASP B 87 18.60 -12.51 -10.91
N ILE B 88 17.62 -12.32 -11.80
CA ILE B 88 16.37 -11.68 -11.39
C ILE B 88 15.43 -12.70 -10.75
N GLN B 89 15.45 -13.95 -11.24
CA GLN B 89 14.56 -14.95 -10.68
C GLN B 89 14.95 -15.30 -9.25
N LEU B 90 16.24 -15.42 -8.98
CA LEU B 90 16.68 -15.74 -7.63
C LEU B 90 16.48 -14.52 -6.73
N ASP B 91 16.81 -14.69 -5.45
CA ASP B 91 16.61 -13.63 -4.48
C ASP B 91 17.90 -12.82 -4.40
N GLY B 92 17.84 -11.57 -4.87
CA GLY B 92 19.02 -10.74 -4.97
C GLY B 92 18.66 -9.28 -5.13
N PRO B 93 19.65 -8.46 -5.46
CA PRO B 93 19.40 -7.01 -5.53
C PRO B 93 18.36 -6.60 -6.54
N LEU B 94 18.08 -7.44 -7.54
CA LEU B 94 17.26 -7.00 -8.66
C LEU B 94 15.80 -7.38 -8.47
N ARG B 95 15.48 -8.09 -7.39
CA ARG B 95 14.12 -8.63 -7.25
C ARG B 95 13.12 -7.55 -6.87
N ASN B 96 13.50 -6.66 -5.96
CA ASN B 96 12.57 -5.67 -5.42
C ASN B 96 12.46 -4.43 -6.30
N THR B 97 13.24 -4.33 -7.37
CA THR B 97 13.15 -3.20 -8.28
C THR B 97 11.90 -3.31 -9.15
N LEU B 98 11.50 -2.17 -9.72
CA LEU B 98 10.37 -2.17 -10.65
C LEU B 98 10.59 -3.13 -11.80
N VAL B 99 11.77 -3.06 -12.44
CA VAL B 99 12.05 -3.96 -13.55
C VAL B 99 12.06 -5.40 -13.08
N GLY B 100 12.42 -5.64 -11.82
CA GLY B 100 12.41 -6.98 -11.27
C GLY B 100 11.03 -7.49 -10.96
N ASN B 101 10.21 -6.67 -10.28
CA ASN B 101 8.90 -7.12 -9.85
C ASN B 101 7.98 -7.38 -11.04
N ILE B 102 8.09 -6.58 -12.09
CA ILE B 102 7.24 -6.79 -13.26
C ILE B 102 7.73 -7.97 -14.07
N SER B 103 9.05 -8.11 -14.23
CA SER B 103 9.59 -9.19 -15.05
C SER B 103 9.35 -10.56 -14.45
N ARG B 104 9.10 -10.65 -13.15
CA ARG B 104 8.84 -11.94 -12.54
C ARG B 104 7.45 -12.48 -12.84
N TYR B 105 6.60 -11.67 -13.49
CA TYR B 105 5.33 -12.20 -14.00
C TYR B 105 5.52 -12.86 -15.37
N TYR B 106 6.69 -12.70 -15.96
CA TYR B 106 6.98 -13.20 -17.29
C TYR B 106 8.13 -14.19 -17.26
N THR B 107 7.99 -15.26 -18.06
CA THR B 107 8.99 -16.32 -18.06
C THR B 107 10.19 -15.97 -18.93
N HIS B 108 10.01 -15.18 -19.97
CA HIS B 108 11.09 -14.82 -20.89
C HIS B 108 11.33 -13.32 -20.83
N TRP B 109 12.54 -12.91 -21.15
CA TRP B 109 12.89 -11.49 -21.20
C TRP B 109 13.96 -11.21 -22.24
N SER B 110 14.03 -9.97 -22.69
CA SER B 110 14.99 -9.58 -23.71
C SER B 110 15.25 -8.09 -23.59
N GLY B 111 16.35 -7.65 -24.17
CA GLY B 111 16.69 -6.25 -24.20
C GLY B 111 17.79 -5.90 -23.24
N SER B 112 18.32 -4.68 -23.39
CA SER B 112 19.39 -4.17 -22.57
C SER B 112 18.88 -3.67 -21.23
N LEU B 113 19.75 -3.71 -20.23
CA LEU B 113 19.52 -3.12 -18.92
C LEU B 113 20.54 -2.03 -18.68
N GLU B 114 20.19 -1.09 -17.80
CA GLU B 114 21.11 -0.02 -17.43
C GLU B 114 21.15 0.11 -15.92
N MET B 115 22.35 0.35 -15.40
CA MET B 115 22.55 0.66 -13.99
C MET B 115 22.97 2.11 -13.85
N THR B 116 22.56 2.73 -12.75
CA THR B 116 22.89 4.11 -12.45
C THR B 116 23.27 4.21 -10.99
N PHE B 117 24.46 4.76 -10.73
CA PHE B 117 24.96 4.91 -9.38
C PHE B 117 25.13 6.39 -9.09
N MET B 118 24.59 6.83 -7.97
CA MET B 118 24.66 8.22 -7.57
C MET B 118 25.56 8.31 -6.35
N PHE B 119 26.53 9.20 -6.38
CA PHE B 119 27.47 9.35 -5.28
C PHE B 119 26.95 10.42 -4.33
N CYS B 120 26.59 10.00 -3.11
CA CYS B 120 25.98 10.88 -2.13
C CYS B 120 26.98 11.48 -1.16
N GLY B 121 28.27 11.25 -1.34
CA GLY B 121 29.27 11.79 -0.46
C GLY B 121 29.34 13.30 -0.53
N SER B 122 30.18 13.86 0.34
CA SER B 122 30.29 15.30 0.47
C SER B 122 30.83 15.92 -0.82
N PHE B 123 30.56 17.22 -0.99
CA PHE B 123 30.99 17.92 -2.19
C PHE B 123 32.50 17.84 -2.40
N MET B 124 33.27 18.03 -1.34
CA MET B 124 34.72 18.01 -1.46
C MET B 124 35.30 16.62 -1.71
N ALA B 125 34.47 15.58 -1.64
CA ALA B 125 34.96 14.22 -1.89
C ALA B 125 35.17 14.01 -3.38
N ALA B 126 36.28 13.36 -3.73
CA ALA B 126 36.64 13.11 -5.12
C ALA B 126 37.17 11.67 -5.23
N GLY B 127 36.99 11.07 -6.39
CA GLY B 127 37.49 9.74 -6.64
C GLY B 127 37.02 9.22 -7.97
N LYS B 128 37.71 8.18 -8.45
CA LYS B 128 37.39 7.53 -9.71
C LYS B 128 36.98 6.10 -9.46
N LEU B 129 35.90 5.67 -10.12
CA LEU B 129 35.40 4.31 -10.01
C LEU B 129 35.34 3.68 -11.38
N ILE B 130 35.27 2.35 -11.40
CA ILE B 130 35.10 1.58 -12.63
C ILE B 130 34.01 0.55 -12.41
N LEU B 131 33.04 0.52 -13.32
CA LEU B 131 31.88 -0.36 -13.22
C LEU B 131 31.96 -1.36 -14.34
N CYS B 132 32.25 -2.61 -14.01
CA CYS B 132 32.55 -3.63 -15.00
C CYS B 132 31.38 -4.60 -15.15
N TYR B 133 31.18 -5.08 -16.37
CA TYR B 133 30.20 -6.11 -16.68
C TYR B 133 30.89 -7.25 -17.45
N THR B 134 30.83 -8.45 -16.89
CA THR B 134 31.49 -9.60 -17.50
C THR B 134 30.44 -10.52 -18.10
N PRO B 135 30.49 -10.78 -19.40
CA PRO B 135 29.55 -11.73 -20.01
C PRO B 135 29.67 -13.11 -19.39
N PRO B 136 28.65 -13.95 -19.50
CA PRO B 136 28.68 -15.25 -18.82
C PRO B 136 29.70 -16.21 -19.42
N GLY B 137 29.77 -17.41 -18.87
CA GLY B 137 30.67 -18.43 -19.34
C GLY B 137 31.88 -18.68 -18.47
N GLY B 138 31.99 -17.98 -17.33
CA GLY B 138 33.11 -18.15 -16.44
C GLY B 138 32.81 -17.64 -15.04
N SER B 139 33.80 -17.77 -14.18
CA SER B 139 33.67 -17.29 -12.80
C SER B 139 33.76 -15.77 -12.75
N CYS B 140 33.27 -15.20 -11.64
CA CYS B 140 33.32 -13.76 -11.49
C CYS B 140 34.76 -13.28 -11.41
N PRO B 141 35.08 -12.11 -11.98
CA PRO B 141 36.46 -11.62 -11.91
C PRO B 141 36.83 -11.24 -10.49
N THR B 142 37.99 -11.75 -10.04
CA THR B 142 38.46 -11.43 -8.70
C THR B 142 39.18 -10.09 -8.66
N THR B 143 39.90 -9.74 -9.72
CA THR B 143 40.76 -8.57 -9.74
C THR B 143 40.34 -7.65 -10.87
N ARG B 144 40.81 -6.40 -10.80
CA ARG B 144 40.39 -5.40 -11.78
C ARG B 144 41.02 -5.65 -13.14
N GLU B 145 42.28 -6.08 -13.19
CA GLU B 145 42.92 -6.31 -14.48
C GLU B 145 42.25 -7.43 -15.25
N THR B 146 41.58 -8.34 -14.55
CA THR B 146 40.73 -9.33 -15.24
C THR B 146 39.38 -8.74 -15.61
N ALA B 147 38.87 -7.82 -14.80
CA ALA B 147 37.55 -7.23 -15.02
C ALA B 147 37.53 -6.14 -16.07
N MET B 148 38.66 -5.51 -16.34
CA MET B 148 38.69 -4.43 -17.30
C MET B 148 38.23 -5.03 -18.63
N LEU B 149 38.63 -6.28 -18.85
CA LEU B 149 38.52 -6.92 -20.17
C LEU B 149 37.10 -6.94 -20.69
N GLY B 150 36.10 -6.68 -19.85
CA GLY B 150 34.72 -6.63 -20.26
C GLY B 150 34.19 -5.20 -20.35
N THR B 151 32.91 -5.11 -20.67
CA THR B 151 32.26 -3.81 -20.78
C THR B 151 32.37 -3.06 -19.45
N HIS B 152 32.88 -1.84 -19.50
CA HIS B 152 33.09 -1.09 -18.27
C HIS B 152 33.01 0.40 -18.57
N ILE B 153 32.85 1.17 -17.50
CA ILE B 153 32.82 2.62 -17.55
C ILE B 153 33.66 3.16 -16.39
N VAL B 154 34.59 4.05 -16.69
CA VAL B 154 35.41 4.64 -15.64
C VAL B 154 34.83 5.99 -15.24
N TRP B 155 34.54 6.12 -13.95
CA TRP B 155 33.68 7.20 -13.48
C TRP B 155 34.43 8.11 -12.50
N ASP B 156 34.39 9.41 -12.76
CA ASP B 156 35.05 10.39 -11.90
C ASP B 156 34.01 11.30 -11.27
N PHE B 157 34.07 11.45 -9.95
CA PHE B 157 33.11 12.28 -9.24
C PHE B 157 33.26 13.75 -9.62
N GLY B 158 32.13 14.44 -9.74
CA GLY B 158 32.11 15.81 -10.22
C GLY B 158 30.72 16.40 -10.11
N LEU B 159 30.51 17.47 -10.88
CA LEU B 159 29.22 18.15 -10.88
C LEU B 159 28.08 17.19 -11.19
N GLN B 160 28.16 16.48 -12.31
CA GLN B 160 27.20 15.42 -12.59
C GLN B 160 27.41 14.31 -11.58
N SER B 161 26.35 13.93 -10.87
CA SER B 161 26.45 13.06 -9.70
C SER B 161 26.20 11.59 -10.01
N SER B 162 25.94 11.24 -11.27
CA SER B 162 25.53 9.89 -11.60
C SER B 162 26.15 9.44 -12.91
N VAL B 163 26.25 8.12 -13.07
CA VAL B 163 26.67 7.50 -14.31
C VAL B 163 25.52 6.66 -14.86
N THR B 164 25.76 6.07 -16.03
CA THR B 164 24.87 5.06 -16.57
C THR B 164 25.73 3.92 -17.08
N LEU B 165 25.61 2.76 -16.46
CA LEU B 165 26.26 1.55 -16.95
C LEU B 165 25.26 0.80 -17.79
N ILE B 166 25.47 0.77 -19.11
CA ILE B 166 24.60 0.00 -19.97
C ILE B 166 25.05 -1.45 -19.97
N ILE B 167 24.14 -2.35 -19.59
CA ILE B 167 24.36 -3.78 -19.72
C ILE B 167 23.80 -4.19 -21.08
N PRO B 168 24.63 -4.46 -22.08
CA PRO B 168 24.10 -4.72 -23.42
C PRO B 168 23.44 -6.08 -23.49
N TRP B 169 22.63 -6.25 -24.52
CA TRP B 169 22.04 -7.56 -24.79
C TRP B 169 23.07 -8.41 -25.51
N ILE B 170 23.51 -9.48 -24.88
CA ILE B 170 24.42 -10.43 -25.49
C ILE B 170 23.87 -11.82 -25.20
N SER B 171 23.45 -12.52 -26.25
CA SER B 171 22.92 -13.86 -26.08
C SER B 171 22.99 -14.58 -27.41
N GLY B 172 22.92 -15.91 -27.35
CA GLY B 172 22.80 -16.70 -28.55
C GLY B 172 21.37 -16.92 -28.99
N SER B 173 20.42 -16.39 -28.24
CA SER B 173 18.99 -16.56 -28.51
C SER B 173 18.31 -15.20 -28.51
N HIS B 174 17.08 -15.18 -29.03
CA HIS B 174 16.30 -13.95 -29.02
C HIS B 174 15.77 -13.63 -27.62
N TYR B 175 15.71 -14.63 -26.75
CA TYR B 175 15.17 -14.44 -25.41
C TYR B 175 15.99 -15.24 -24.40
N ARG B 176 15.81 -14.90 -23.13
CA ARG B 176 16.36 -15.66 -22.02
C ARG B 176 15.23 -16.07 -21.09
N MET B 177 15.51 -17.07 -20.26
CA MET B 177 14.51 -17.68 -19.40
C MET B 177 14.84 -17.43 -17.94
N PHE B 178 13.79 -17.42 -17.12
CA PHE B 178 13.91 -17.29 -15.67
C PHE B 178 14.02 -18.62 -14.94
N ASN B 179 14.22 -19.72 -15.66
CA ASN B 179 14.30 -21.03 -15.03
C ASN B 179 15.30 -21.02 -13.88
N ASN B 180 14.99 -21.83 -12.86
CA ASN B 180 15.67 -21.73 -11.57
C ASN B 180 17.16 -22.02 -11.63
N ASP B 181 17.66 -22.57 -12.72
CA ASP B 181 19.09 -22.82 -12.84
C ASP B 181 19.82 -21.49 -12.97
N ALA B 182 20.76 -21.23 -12.07
CA ALA B 182 21.48 -19.96 -12.09
C ALA B 182 22.57 -19.93 -13.16
N LYS B 183 23.21 -21.07 -13.42
CA LYS B 183 24.32 -21.15 -14.36
C LYS B 183 23.89 -21.58 -15.75
N SER B 184 22.59 -21.74 -15.99
CA SER B 184 22.11 -22.16 -17.29
C SER B 184 22.50 -21.14 -18.36
N THR B 185 22.88 -21.65 -19.54
CA THR B 185 23.30 -20.78 -20.64
C THR B 185 22.16 -19.87 -21.09
N ASN B 186 20.92 -20.28 -20.88
CA ASN B 186 19.76 -19.49 -21.25
C ASN B 186 19.29 -18.58 -20.11
N ALA B 187 20.02 -18.56 -19.00
CA ALA B 187 19.60 -17.85 -17.80
C ALA B 187 20.65 -16.86 -17.33
N ASN B 188 21.85 -17.35 -17.01
CA ASN B 188 22.89 -16.53 -16.42
C ASN B 188 23.17 -15.30 -17.27
N VAL B 189 23.08 -14.12 -16.64
CA VAL B 189 23.24 -12.86 -17.35
C VAL B 189 24.69 -12.37 -17.34
N GLY B 190 25.54 -12.95 -16.52
CA GLY B 190 26.86 -12.40 -16.28
C GLY B 190 26.95 -11.73 -14.92
N TYR B 191 28.03 -10.97 -14.75
CA TYR B 191 28.40 -10.42 -13.45
C TYR B 191 28.73 -8.94 -13.56
N VAL B 192 28.52 -8.22 -12.46
CA VAL B 192 28.82 -6.79 -12.39
C VAL B 192 29.65 -6.55 -11.14
N THR B 193 30.83 -5.96 -11.32
CA THR B 193 31.73 -5.66 -10.21
C THR B 193 32.19 -4.21 -10.29
N CYS B 194 32.47 -3.63 -9.13
CA CYS B 194 32.91 -2.24 -9.03
C CYS B 194 34.24 -2.19 -8.28
N PHE B 195 35.25 -1.64 -8.93
CA PHE B 195 36.59 -1.54 -8.36
C PHE B 195 36.97 -0.07 -8.19
N MET B 196 37.84 0.19 -7.23
CA MET B 196 38.41 1.53 -7.09
C MET B 196 39.36 1.78 -8.25
N GLN B 197 39.11 2.82 -9.03
CA GLN B 197 40.01 3.15 -10.12
C GLN B 197 41.28 3.80 -9.58
N THR B 198 41.14 4.78 -8.70
CA THR B 198 42.29 5.36 -8.03
C THR B 198 42.14 5.23 -6.52
N ASN B 199 41.30 6.07 -5.93
CA ASN B 199 41.06 6.08 -4.49
C ASN B 199 40.04 7.16 -4.19
N LEU B 200 39.43 7.08 -3.01
CA LEU B 200 38.47 8.07 -2.54
C LEU B 200 39.16 8.97 -1.52
N ILE B 201 39.36 10.23 -1.88
CA ILE B 201 40.09 11.20 -1.07
C ILE B 201 39.11 12.19 -0.50
N VAL B 202 38.97 12.21 0.82
CA VAL B 202 38.07 13.13 1.50
C VAL B 202 38.87 13.95 2.51
N PRO B 203 38.50 15.21 2.75
CA PRO B 203 39.18 16.01 3.78
C PRO B 203 38.90 15.47 5.17
N SER B 204 39.71 15.92 6.12
CA SER B 204 39.51 15.52 7.51
C SER B 204 38.21 16.04 8.07
N GLU B 205 37.64 17.10 7.48
CA GLU B 205 36.36 17.63 7.95
C GLU B 205 35.19 16.79 7.47
N SER B 206 35.26 16.31 6.24
CA SER B 206 34.15 15.53 5.68
C SER B 206 34.12 14.13 6.29
N SER B 207 32.95 13.50 6.20
CA SER B 207 32.80 12.14 6.68
C SER B 207 33.55 11.17 5.76
N ASP B 208 34.21 10.19 6.38
CA ASP B 208 35.07 9.29 5.61
C ASP B 208 34.27 8.26 4.84
N THR B 209 33.13 7.83 5.38
CA THR B 209 32.31 6.79 4.75
C THR B 209 31.26 7.45 3.87
N CYS B 210 31.33 7.17 2.56
CA CYS B 210 30.40 7.70 1.58
C CYS B 210 29.58 6.57 1.01
N SER B 211 28.37 6.89 0.54
CA SER B 211 27.41 5.87 0.13
C SER B 211 26.98 6.10 -1.31
N LEU B 212 27.21 5.09 -2.16
CA LEU B 212 26.59 5.05 -3.48
C LEU B 212 25.16 4.54 -3.37
N ILE B 213 24.33 4.93 -4.32
CA ILE B 213 22.97 4.41 -4.45
C ILE B 213 22.82 3.82 -5.84
N GLY B 214 22.61 2.51 -5.91
CA GLY B 214 22.45 1.86 -7.19
C GLY B 214 21.04 1.94 -7.74
N PHE B 215 20.92 2.11 -9.05
CA PHE B 215 19.65 2.11 -9.73
C PHE B 215 19.71 1.13 -10.89
N ILE B 216 18.54 0.71 -11.36
CA ILE B 216 18.44 -0.12 -12.55
C ILE B 216 17.12 0.18 -13.26
N ALA B 217 17.16 0.18 -14.59
CA ALA B 217 15.98 0.38 -15.40
C ALA B 217 16.15 -0.37 -16.71
N ALA B 218 15.05 -0.80 -17.29
CA ALA B 218 15.06 -1.39 -18.61
C ALA B 218 15.24 -0.31 -19.67
N LYS B 219 15.66 -0.72 -20.85
CA LYS B 219 15.87 0.19 -21.96
C LYS B 219 14.65 0.18 -22.88
N ASP B 220 14.77 0.88 -24.01
CA ASP B 220 13.68 0.95 -24.97
C ASP B 220 13.53 -0.34 -25.78
N ASP B 221 14.59 -1.14 -25.88
CA ASP B 221 14.54 -2.42 -26.59
C ASP B 221 14.16 -3.58 -25.69
N PHE B 222 13.82 -3.31 -24.42
CA PHE B 222 13.46 -4.35 -23.48
C PHE B 222 12.15 -4.99 -23.89
N SER B 223 11.98 -6.27 -23.52
CA SER B 223 10.77 -7.00 -23.89
C SER B 223 10.53 -8.12 -22.91
N LEU B 224 9.28 -8.60 -22.89
CA LEU B 224 8.84 -9.67 -22.01
C LEU B 224 7.82 -10.53 -22.73
N ARG B 225 7.77 -11.81 -22.37
CA ARG B 225 6.89 -12.75 -23.06
C ARG B 225 6.47 -13.86 -22.11
N LEU B 226 5.33 -14.48 -22.41
CA LEU B 226 4.81 -15.66 -21.72
C LEU B 226 4.57 -15.37 -20.24
N MET B 227 3.50 -14.62 -20.00
CA MET B 227 3.12 -14.24 -18.65
C MET B 227 2.84 -15.45 -17.77
N ARG B 228 3.24 -15.36 -16.50
CA ARG B 228 3.06 -16.43 -15.53
C ARG B 228 2.68 -15.82 -14.18
N ASP B 229 2.28 -16.68 -13.25
CA ASP B 229 2.06 -16.23 -11.89
C ASP B 229 3.38 -15.85 -11.22
N SER B 230 3.33 -14.83 -10.37
CA SER B 230 4.53 -14.30 -9.74
C SER B 230 4.83 -15.08 -8.46
N PRO B 231 6.03 -15.63 -8.30
CA PRO B 231 6.37 -16.30 -7.03
C PRO B 231 6.52 -15.36 -5.86
N ASP B 232 6.61 -14.04 -6.09
CA ASP B 232 6.88 -13.10 -5.01
C ASP B 232 5.86 -13.23 -3.88
N ILE B 233 4.58 -13.10 -4.21
CA ILE B 233 3.54 -13.21 -3.21
C ILE B 233 3.25 -14.69 -2.94
N GLY B 234 3.28 -15.07 -1.66
CA GLY B 234 3.03 -16.43 -1.25
C GLY B 234 1.67 -16.61 -0.61
N GLN B 235 1.42 -17.83 -0.18
CA GLN B 235 0.18 -18.15 0.51
C GLN B 235 0.13 -17.41 1.85
N LEU B 236 -1.08 -17.04 2.25
CA LEU B 236 -1.28 -16.27 3.49
C LEU B 236 -2.33 -17.00 4.31
N ASP B 237 -1.91 -17.54 5.46
CA ASP B 237 -2.77 -18.37 6.30
C ASP B 237 -4.02 -17.64 6.78
N HIS B 238 -3.82 -16.67 7.68
CA HIS B 238 -4.93 -16.00 8.37
C HIS B 238 -5.17 -14.66 7.70
N LEU B 239 -6.26 -14.55 6.97
CA LEU B 239 -6.62 -13.30 6.32
C LEU B 239 -7.84 -12.69 6.99
N HIS B 240 -7.61 -11.59 7.68
CA HIS B 240 -8.61 -10.95 8.53
C HIS B 240 -9.71 -10.35 7.66
N ALA B 241 -10.94 -10.36 8.17
CA ALA B 241 -12.14 -9.78 7.55
C ALA B 241 -12.57 -10.49 6.27
N ALA B 242 -11.80 -11.46 5.78
CA ALA B 242 -12.21 -12.18 4.58
C ALA B 242 -13.50 -12.95 4.81
N GLU B 243 -13.65 -13.56 5.98
CA GLU B 243 -14.88 -14.27 6.32
C GLU B 243 -16.03 -13.32 6.64
N ALA B 244 -15.73 -12.06 6.97
CA ALA B 244 -16.79 -11.11 7.27
C ALA B 244 -17.59 -10.74 6.03
N ALA B 245 -17.00 -10.82 4.85
CA ALA B 245 -17.69 -10.45 3.63
C ALA B 245 -18.75 -11.45 3.21
N TYR B 246 -18.73 -12.66 3.78
CA TYR B 246 -19.69 -13.69 3.41
C TYR B 246 -20.99 -13.65 4.21
N GLN B 247 -21.07 -12.75 5.18
CA GLN B 247 -22.25 -12.63 6.05
C GLN B 247 -22.50 -13.92 6.84
N TYR C 9 24.67 27.42 -14.11
CA TYR C 9 24.07 26.98 -15.36
C TYR C 9 22.64 27.50 -15.43
N SER C 10 21.99 27.28 -16.58
CA SER C 10 20.66 27.85 -16.81
C SER C 10 19.64 27.31 -15.80
N ASP C 11 19.48 25.98 -15.73
CA ASP C 11 18.40 25.44 -14.92
C ASP C 11 18.78 25.25 -13.46
N ARG C 12 20.00 25.60 -13.06
CA ARG C 12 20.37 25.48 -11.65
C ARG C 12 19.73 26.58 -10.81
N VAL C 13 19.44 27.73 -11.40
CA VAL C 13 18.74 28.82 -10.72
C VAL C 13 17.30 28.85 -11.19
N LEU C 14 16.39 29.12 -10.27
CA LEU C 14 14.97 29.16 -10.58
C LEU C 14 14.29 30.18 -9.66
N GLN C 15 13.31 30.89 -10.19
CA GLN C 15 12.47 31.78 -9.39
C GLN C 15 11.02 31.39 -9.60
N LEU C 16 10.25 31.40 -8.51
CA LEU C 16 8.84 31.03 -8.53
C LEU C 16 8.04 32.20 -7.95
N LYS C 17 7.22 32.82 -8.79
CA LYS C 17 6.39 33.95 -8.37
C LYS C 17 4.93 33.56 -8.48
N LEU C 18 4.27 33.42 -7.33
CA LEU C 18 2.83 33.18 -7.28
C LEU C 18 2.21 34.13 -6.26
N GLY C 19 1.33 35.01 -6.73
CA GLY C 19 0.69 35.94 -5.83
C GLY C 19 1.70 36.94 -5.28
N ASN C 20 1.57 37.24 -3.98
CA ASN C 20 2.49 38.13 -3.30
C ASN C 20 3.71 37.41 -2.77
N SER C 21 3.82 36.10 -3.01
CA SER C 21 4.97 35.31 -2.57
C SER C 21 5.91 35.06 -3.73
N ALA C 22 7.20 35.00 -3.43
CA ALA C 22 8.22 34.71 -4.43
C ALA C 22 9.34 33.92 -3.78
N ILE C 23 9.86 32.94 -4.51
CA ILE C 23 10.93 32.08 -4.01
C ILE C 23 12.03 32.00 -5.06
N VAL C 24 13.26 32.32 -4.66
CA VAL C 24 14.43 32.19 -5.51
C VAL C 24 15.30 31.07 -4.94
N THR C 25 15.93 30.30 -5.82
CA THR C 25 16.86 29.26 -5.43
C THR C 25 18.04 29.27 -6.39
N GLN C 26 19.25 29.31 -5.83
CA GLN C 26 20.45 29.28 -6.64
C GLN C 26 21.00 27.87 -6.84
N GLU C 27 20.48 26.88 -6.13
CA GLU C 27 20.85 25.48 -6.34
C GLU C 27 19.56 24.68 -6.51
N ALA C 28 19.32 24.19 -7.72
CA ALA C 28 18.14 23.41 -8.02
C ALA C 28 18.43 22.63 -9.29
N ALA C 29 17.61 21.61 -9.54
CA ALA C 29 17.71 20.85 -10.78
C ALA C 29 16.33 20.72 -11.41
N ASN C 30 16.13 21.43 -12.53
CA ASN C 30 15.11 21.11 -13.53
C ASN C 30 13.78 20.70 -12.91
N TYR C 31 13.02 21.66 -12.37
CA TYR C 31 11.84 21.36 -11.58
C TYR C 31 10.91 20.40 -12.29
N CYS C 32 10.35 19.46 -11.52
CA CYS C 32 9.58 18.34 -12.04
C CYS C 32 8.10 18.70 -12.21
N CYS C 33 7.49 18.19 -13.28
CA CYS C 33 6.05 18.27 -13.49
C CYS C 33 5.49 16.85 -13.42
N ALA C 34 4.50 16.66 -12.57
CA ALA C 34 4.01 15.32 -12.29
C ALA C 34 3.27 14.76 -13.51
N TYR C 35 3.74 13.61 -14.00
CA TYR C 35 3.09 12.88 -15.08
C TYR C 35 2.95 13.74 -16.34
N GLY C 36 3.85 14.70 -16.53
CA GLY C 36 3.80 15.56 -17.68
C GLY C 36 2.55 16.41 -17.78
N GLU C 37 1.92 16.72 -16.64
CA GLU C 37 0.70 17.52 -16.61
C GLU C 37 0.95 18.81 -15.86
N TRP C 38 0.16 19.83 -16.18
CA TRP C 38 0.23 21.12 -15.50
C TRP C 38 -1.16 21.56 -15.02
N PRO C 39 -1.23 22.12 -13.82
CA PRO C 39 -2.52 22.43 -13.21
C PRO C 39 -3.36 23.34 -14.10
N ASN C 40 -4.68 23.14 -14.07
CA ASN C 40 -5.60 23.96 -14.83
C ASN C 40 -6.96 23.92 -14.17
N TYR C 41 -7.79 24.92 -14.49
CA TYR C 41 -9.15 24.96 -13.98
C TYR C 41 -9.99 23.86 -14.63
N LEU C 42 -11.10 23.53 -13.97
CA LEU C 42 -11.97 22.48 -14.47
C LEU C 42 -12.68 22.94 -15.73
N PRO C 43 -12.55 22.23 -16.85
CA PRO C 43 -13.23 22.65 -18.07
C PRO C 43 -14.73 22.46 -17.97
N ASP C 44 -15.45 23.10 -18.90
CA ASP C 44 -16.91 23.08 -18.85
C ASP C 44 -17.47 21.69 -19.15
N HIS C 45 -16.78 20.89 -19.96
CA HIS C 45 -17.31 19.57 -20.29
C HIS C 45 -17.05 18.53 -19.22
N GLU C 46 -16.10 18.78 -18.32
CA GLU C 46 -15.87 17.91 -17.18
C GLU C 46 -16.55 18.39 -15.91
N ALA C 47 -17.29 19.49 -15.96
CA ALA C 47 -17.92 20.02 -14.77
C ALA C 47 -19.16 19.20 -14.39
N VAL C 48 -19.51 19.25 -13.11
CA VAL C 48 -20.67 18.53 -12.59
C VAL C 48 -21.56 19.50 -11.82
N ALA C 49 -21.03 20.04 -10.71
CA ALA C 49 -21.81 20.96 -9.89
C ALA C 49 -22.18 22.20 -10.69
N ILE C 50 -23.47 22.54 -10.66
CA ILE C 50 -23.96 23.61 -11.53
C ILE C 50 -23.67 25.01 -10.99
N ASP C 51 -23.55 25.16 -9.67
CA ASP C 51 -23.35 26.49 -9.11
C ASP C 51 -22.02 27.08 -9.55
N LYS C 52 -22.00 28.38 -9.73
CA LYS C 52 -20.82 29.07 -10.24
C LYS C 52 -19.69 28.97 -9.24
N PRO C 53 -18.57 28.35 -9.58
CA PRO C 53 -17.46 28.24 -8.62
C PRO C 53 -16.80 29.58 -8.39
N THR C 54 -16.07 29.65 -7.28
CA THR C 54 -15.31 30.85 -6.93
C THR C 54 -13.82 30.57 -7.12
N GLN C 55 -13.12 31.57 -7.62
CA GLN C 55 -11.71 31.45 -7.99
C GLN C 55 -10.95 32.58 -7.32
N PRO C 56 -10.40 32.34 -6.12
CA PRO C 56 -9.67 33.42 -5.43
C PRO C 56 -8.44 33.90 -6.16
N GLU C 57 -7.84 33.06 -7.00
CA GLU C 57 -6.65 33.40 -7.79
C GLU C 57 -5.56 33.84 -6.83
N THR C 58 -5.08 35.09 -6.89
CA THR C 58 -3.92 35.52 -6.12
C THR C 58 -4.13 35.40 -4.62
N ALA C 59 -5.37 35.25 -4.14
CA ALA C 59 -5.59 35.13 -2.71
C ALA C 59 -5.11 33.80 -2.17
N THR C 60 -5.58 32.70 -2.76
CA THR C 60 -5.23 31.37 -2.28
C THR C 60 -4.04 30.75 -3.00
N ASP C 61 -3.56 31.34 -4.10
CA ASP C 61 -2.44 30.79 -4.84
C ASP C 61 -1.19 31.58 -4.45
N ARG C 62 -0.33 30.93 -3.67
CA ARG C 62 0.89 31.52 -3.12
C ARG C 62 1.51 30.47 -2.22
N PHE C 63 2.78 30.67 -1.89
CA PHE C 63 3.52 29.69 -1.09
C PHE C 63 3.19 29.85 0.38
N TYR C 64 2.74 28.75 0.99
CA TYR C 64 2.52 28.68 2.43
C TYR C 64 3.65 27.84 3.02
N THR C 65 4.50 28.43 3.85
CA THR C 65 5.60 27.66 4.40
C THR C 65 5.13 26.86 5.59
N LEU C 66 5.27 25.54 5.50
CA LEU C 66 5.03 24.64 6.62
C LEU C 66 6.14 24.70 7.65
N LYS C 67 5.81 24.34 8.88
CA LYS C 67 6.80 24.21 9.93
C LYS C 67 7.96 23.33 9.49
N SER C 68 9.18 23.83 9.63
CA SER C 68 10.35 23.04 9.29
C SER C 68 10.57 21.90 10.28
N VAL C 69 11.12 20.81 9.78
CA VAL C 69 11.45 19.65 10.61
C VAL C 69 12.96 19.50 10.65
N LYS C 70 13.46 18.96 11.76
CA LYS C 70 14.89 18.79 11.94
C LYS C 70 15.36 17.46 11.39
N TRP C 71 16.40 17.55 10.57
CA TRP C 71 17.02 16.40 9.96
C TRP C 71 18.09 15.99 10.93
N GLU C 72 17.99 14.77 11.42
CA GLU C 72 18.91 14.23 12.41
C GLU C 72 19.38 12.87 11.94
N THR C 73 20.25 12.24 12.75
CA THR C 73 20.93 11.02 12.33
C THR C 73 19.96 9.84 12.18
N GLY C 74 19.05 9.68 13.12
CA GLY C 74 18.09 8.60 13.09
C GLY C 74 16.72 8.94 12.55
N SER C 75 16.59 10.03 11.80
CA SER C 75 15.32 10.40 11.20
C SER C 75 14.83 9.34 10.22
N THR C 76 13.57 8.99 10.31
CA THR C 76 13.01 8.03 9.37
C THR C 76 12.35 8.68 8.17
N GLY C 77 12.00 9.96 8.25
CA GLY C 77 11.27 10.60 7.18
C GLY C 77 10.02 11.29 7.67
N TRP C 78 9.47 12.08 6.76
CA TRP C 78 8.35 12.94 7.09
C TRP C 78 7.34 12.85 5.97
N TRP C 79 6.07 12.96 6.34
CA TRP C 79 5.01 13.10 5.36
C TRP C 79 4.07 14.25 5.70
N TRP C 80 3.66 14.99 4.68
CA TRP C 80 2.50 15.86 4.77
C TRP C 80 1.47 15.43 3.74
N LYS C 81 0.23 15.33 4.20
CA LYS C 81 -0.90 15.03 3.33
C LYS C 81 -1.58 16.33 2.90
N LEU C 82 -2.01 16.37 1.64
CA LEU C 82 -2.65 17.55 1.09
C LEU C 82 -4.09 17.21 0.75
N PRO C 83 -5.00 18.17 0.91
CA PRO C 83 -4.91 19.54 1.41
C PRO C 83 -4.65 19.66 2.91
N ASP C 84 -4.79 18.53 3.64
CA ASP C 84 -4.90 18.56 5.09
C ASP C 84 -3.87 19.49 5.74
N ALA C 85 -2.65 19.51 5.20
CA ALA C 85 -1.63 20.41 5.75
C ALA C 85 -2.06 21.88 5.62
N LEU C 86 -2.80 22.21 4.57
CA LEU C 86 -3.15 23.59 4.26
C LEU C 86 -4.53 24.01 4.76
N ASN C 87 -5.27 23.14 5.44
CA ASN C 87 -6.65 23.46 5.78
C ASN C 87 -6.78 24.53 6.86
N ASN C 88 -5.78 24.68 7.71
CA ASN C 88 -5.84 25.64 8.81
C ASN C 88 -5.13 26.95 8.51
N ILE C 89 -4.52 27.10 7.33
CA ILE C 89 -3.54 28.15 7.07
C ILE C 89 -4.09 29.12 6.03
N GLY C 90 -4.05 30.41 6.36
CA GLY C 90 -4.27 31.48 5.41
C GLY C 90 -5.68 31.51 4.81
N MET C 91 -5.80 32.31 3.74
CA MET C 91 -7.06 32.39 3.03
C MET C 91 -7.41 31.10 2.29
N PHE C 92 -6.43 30.24 2.05
CA PHE C 92 -6.74 28.93 1.51
C PHE C 92 -7.59 28.13 2.49
N GLY C 93 -7.23 28.20 3.78
CA GLY C 93 -7.95 27.45 4.79
C GLY C 93 -9.35 27.94 5.05
N GLN C 94 -9.64 29.21 4.76
CA GLN C 94 -10.97 29.73 4.97
C GLN C 94 -11.92 29.26 3.88
N ASN C 95 -11.47 29.29 2.62
CA ASN C 95 -12.28 28.78 1.54
C ASN C 95 -12.54 27.28 1.70
N VAL C 96 -11.60 26.56 2.29
CA VAL C 96 -11.80 25.13 2.55
C VAL C 96 -12.95 24.93 3.53
N GLN C 97 -13.06 25.80 4.53
CA GLN C 97 -14.07 25.62 5.57
C GLN C 97 -15.46 25.99 5.09
N HIS C 98 -15.60 27.12 4.38
CA HIS C 98 -16.90 27.60 3.96
C HIS C 98 -17.45 26.89 2.73
N HIS C 99 -16.62 26.22 1.95
CA HIS C 99 -17.05 25.61 0.70
C HIS C 99 -17.06 24.09 0.81
N TYR C 100 -18.01 23.48 0.10
CA TYR C 100 -18.22 22.04 0.18
C TYR C 100 -17.25 21.26 -0.70
N LEU C 101 -16.82 21.83 -1.82
CA LEU C 101 -15.97 21.15 -2.79
C LEU C 101 -14.78 22.03 -3.17
N TYR C 102 -13.70 21.39 -3.59
CA TYR C 102 -12.55 22.11 -4.14
C TYR C 102 -11.89 21.32 -5.26
N ARG C 103 -11.24 22.04 -6.17
CA ARG C 103 -10.36 21.43 -7.15
C ARG C 103 -9.15 22.33 -7.32
N SER C 104 -7.96 21.78 -7.10
CA SER C 104 -6.75 22.58 -7.26
C SER C 104 -5.57 21.66 -7.46
N GLY C 105 -4.49 22.23 -8.00
CA GLY C 105 -3.20 21.59 -8.03
C GLY C 105 -2.30 22.14 -6.93
N PHE C 106 -1.10 21.57 -6.86
CA PHE C 106 -0.16 21.95 -5.82
C PHE C 106 1.24 22.07 -6.39
N LEU C 107 1.99 23.06 -5.92
CA LEU C 107 3.39 23.25 -6.28
C LEU C 107 4.19 23.15 -4.99
N ILE C 108 4.98 22.09 -4.87
CA ILE C 108 5.71 21.77 -3.65
C ILE C 108 7.18 22.11 -3.84
N HIS C 109 7.75 22.84 -2.88
CA HIS C 109 9.16 23.23 -2.92
C HIS C 109 9.75 22.96 -1.54
N VAL C 110 10.79 22.13 -1.50
CA VAL C 110 11.44 21.74 -0.26
C VAL C 110 12.84 22.33 -0.21
N GLN C 111 13.17 22.99 0.89
CA GLN C 111 14.48 23.63 1.07
C GLN C 111 15.26 22.85 2.12
N CYS C 112 16.36 22.23 1.71
CA CYS C 112 17.31 21.65 2.65
C CYS C 112 18.72 21.97 2.19
N ASN C 113 19.49 22.64 3.02
CA ASN C 113 20.83 23.05 2.65
C ASN C 113 21.81 22.70 3.76
N ALA C 114 23.09 22.67 3.40
CA ALA C 114 24.17 22.40 4.33
C ALA C 114 25.46 22.90 3.70
N THR C 115 26.55 22.78 4.45
CA THR C 115 27.85 23.13 3.93
C THR C 115 28.34 22.08 2.94
N LYS C 116 29.33 22.45 2.13
CA LYS C 116 29.89 21.52 1.17
C LYS C 116 30.62 20.35 1.83
N PHE C 117 30.79 20.37 3.15
CA PHE C 117 31.39 19.27 3.88
C PHE C 117 30.36 18.29 4.42
N HIS C 118 29.07 18.53 4.21
CA HIS C 118 28.03 17.58 4.61
C HIS C 118 27.68 16.66 3.44
N GLN C 119 27.41 15.40 3.76
CA GLN C 119 26.96 14.42 2.80
C GLN C 119 25.57 13.92 3.20
N GLY C 120 24.72 13.73 2.22
CA GLY C 120 23.39 13.20 2.48
C GLY C 120 22.51 13.31 1.26
N ALA C 121 21.40 12.58 1.31
CA ALA C 121 20.47 12.54 0.20
C ALA C 121 19.05 12.40 0.73
N LEU C 122 18.12 13.11 0.10
CA LEU C 122 16.71 13.05 0.45
C LEU C 122 15.91 12.65 -0.77
N LEU C 123 14.95 11.76 -0.56
CA LEU C 123 13.99 11.39 -1.59
C LEU C 123 12.70 12.15 -1.29
N VAL C 124 12.39 13.13 -2.12
CA VAL C 124 11.17 13.94 -1.98
C VAL C 124 10.19 13.44 -3.02
N VAL C 125 9.14 12.76 -2.57
CA VAL C 125 8.22 12.07 -3.46
C VAL C 125 6.79 12.42 -3.06
N ALA C 126 5.93 12.59 -4.06
CA ALA C 126 4.51 12.86 -3.86
C ALA C 126 3.74 11.60 -4.24
N ILE C 127 3.17 10.93 -3.23
CA ILE C 127 2.53 9.64 -3.42
C ILE C 127 1.03 9.89 -3.63
N PRO C 128 0.50 9.68 -4.83
CA PRO C 128 -0.94 9.85 -5.03
C PRO C 128 -1.72 8.73 -4.33
N GLU C 129 -2.76 9.13 -3.60
CA GLU C 129 -3.63 8.21 -2.89
C GLU C 129 -2.82 7.22 -2.04
N HIS C 130 -2.19 7.76 -1.00
CA HIS C 130 -1.35 6.94 -0.12
C HIS C 130 -2.20 6.47 1.05
N GLN C 131 -2.46 5.17 1.10
CA GLN C 131 -3.26 4.58 2.16
C GLN C 131 -2.32 3.94 3.17
N ARG C 132 -2.27 4.51 4.37
CA ARG C 132 -1.32 4.07 5.39
C ARG C 132 -1.81 2.83 6.10
N GLY C 133 -0.86 1.99 6.50
CA GLY C 133 -1.14 0.81 7.28
C GLY C 133 -0.79 0.99 8.74
N ALA C 134 -0.89 -0.10 9.50
CA ALA C 134 -0.47 -0.12 10.89
C ALA C 134 0.32 -1.40 11.12
N HIS C 135 1.40 -1.26 11.87
CA HIS C 135 2.36 -2.36 12.07
C HIS C 135 1.79 -3.39 13.02
N ASN C 136 1.77 -4.65 12.59
CA ASN C 136 1.58 -5.80 13.47
C ASN C 136 0.21 -5.77 14.16
N THR C 137 -0.82 -5.35 13.41
CA THR C 137 -2.18 -5.39 13.91
C THR C 137 -3.14 -5.39 12.73
N ASN C 138 -4.37 -5.85 12.98
CA ASN C 138 -5.41 -5.84 11.96
C ASN C 138 -6.31 -4.62 12.07
N THR C 139 -6.08 -3.76 13.06
CA THR C 139 -6.97 -2.63 13.31
C THR C 139 -6.66 -1.50 12.35
N SER C 140 -7.68 -1.03 11.64
CA SER C 140 -7.49 0.03 10.66
C SER C 140 -7.05 1.31 11.35
N PRO C 141 -6.20 2.11 10.71
CA PRO C 141 -5.75 3.36 11.34
C PRO C 141 -6.91 4.29 11.62
N GLY C 142 -6.80 5.04 12.70
CA GLY C 142 -7.84 5.95 13.14
C GLY C 142 -7.83 7.25 12.36
N PHE C 143 -8.71 8.16 12.78
CA PHE C 143 -8.79 9.46 12.13
C PHE C 143 -7.62 10.35 12.50
N ASP C 144 -7.31 10.46 13.81
CA ASP C 144 -6.22 11.31 14.25
C ASP C 144 -4.86 10.77 13.85
N ASP C 145 -4.74 9.47 13.59
CA ASP C 145 -3.48 8.93 13.10
C ASP C 145 -3.17 9.41 11.69
N ILE C 146 -4.18 9.43 10.84
CA ILE C 146 -3.96 9.80 9.44
C ILE C 146 -3.91 11.31 9.26
N MET C 147 -4.70 12.06 10.02
CA MET C 147 -4.82 13.49 9.82
C MET C 147 -3.97 14.19 10.89
N LYS C 148 -2.80 14.69 10.49
CA LYS C 148 -1.90 15.39 11.39
C LYS C 148 -1.99 16.91 11.30
N GLY C 149 -2.81 17.43 10.39
CA GLY C 149 -2.87 18.87 10.22
C GLY C 149 -1.60 19.40 9.60
N GLU C 150 -1.07 20.48 10.19
CA GLU C 150 0.06 21.19 9.61
C GLU C 150 1.39 20.50 9.89
N GLU C 151 1.59 20.01 11.11
CA GLU C 151 2.90 19.48 11.48
C GLU C 151 3.27 18.25 10.68
N GLY C 152 2.29 17.45 10.27
CA GLY C 152 2.56 16.22 9.58
C GLY C 152 3.10 15.15 10.50
N GLY C 153 3.21 13.93 9.97
CA GLY C 153 3.62 12.79 10.73
C GLY C 153 5.05 12.38 10.46
N THR C 154 5.36 11.14 10.81
CA THR C 154 6.69 10.58 10.67
C THR C 154 6.58 9.11 10.29
N PHE C 155 7.44 8.66 9.39
CA PHE C 155 7.41 7.27 8.98
C PHE C 155 7.92 6.38 10.11
N ASN C 156 7.07 5.41 10.51
CA ASN C 156 7.52 4.41 11.46
C ASN C 156 8.50 3.45 10.81
N HIS C 157 8.14 2.95 9.63
CA HIS C 157 9.00 2.06 8.85
C HIS C 157 9.07 2.63 7.43
N PRO C 158 9.96 3.61 7.20
CA PRO C 158 10.05 4.21 5.86
C PRO C 158 10.56 3.25 4.81
N TYR C 159 11.20 2.15 5.23
CA TYR C 159 11.69 1.17 4.27
C TYR C 159 10.55 0.56 3.48
N VAL C 160 9.41 0.33 4.12
CA VAL C 160 8.23 -0.20 3.46
C VAL C 160 7.24 0.88 3.06
N LEU C 161 7.56 2.15 3.29
CA LEU C 161 6.67 3.29 3.04
C LEU C 161 5.40 3.22 3.90
N ASP C 162 5.43 2.47 5.00
CA ASP C 162 4.34 2.38 5.96
C ASP C 162 3.07 1.77 5.40
N ASP C 163 3.00 1.58 4.08
CA ASP C 163 1.87 0.90 3.45
C ASP C 163 2.15 -0.55 3.12
N GLY C 164 3.37 -1.03 3.36
CA GLY C 164 3.74 -2.38 2.99
C GLY C 164 4.38 -2.52 1.63
N THR C 165 4.47 -1.44 0.86
CA THR C 165 5.13 -1.45 -0.44
C THR C 165 6.64 -1.34 -0.24
N SER C 166 7.36 -1.09 -1.33
CA SER C 166 8.82 -1.01 -1.28
C SER C 166 9.26 0.43 -1.54
N LEU C 167 10.18 0.92 -0.70
CA LEU C 167 10.77 2.24 -0.94
C LEU C 167 11.63 2.24 -2.18
N ALA C 168 12.19 1.08 -2.55
CA ALA C 168 13.01 1.00 -3.74
C ALA C 168 12.24 1.40 -4.99
N CYS C 169 10.95 1.08 -5.05
CA CYS C 169 10.12 1.37 -6.22
C CYS C 169 9.44 2.73 -6.15
N ALA C 170 9.72 3.54 -5.12
CA ALA C 170 9.03 4.81 -4.96
C ALA C 170 9.33 5.81 -6.08
N THR C 171 10.28 5.51 -6.96
CA THR C 171 10.58 6.41 -8.06
C THR C 171 9.53 6.38 -9.15
N ILE C 172 8.60 5.43 -9.12
CA ILE C 172 7.54 5.41 -10.12
C ILE C 172 6.60 6.60 -9.96
N PHE C 173 6.56 7.19 -8.78
CA PHE C 173 5.81 8.38 -8.42
C PHE C 173 6.59 9.63 -8.81
N PRO C 174 5.90 10.76 -8.96
CA PRO C 174 6.62 12.03 -9.18
C PRO C 174 7.56 12.29 -8.01
N HIS C 175 8.82 12.56 -8.34
CA HIS C 175 9.83 12.69 -7.29
C HIS C 175 10.99 13.52 -7.81
N GLN C 176 11.75 14.04 -6.85
CA GLN C 176 13.07 14.61 -7.05
C GLN C 176 13.96 14.29 -5.86
N TRP C 177 15.27 14.39 -6.03
CA TRP C 177 16.23 14.12 -4.98
C TRP C 177 16.81 15.45 -4.51
N ILE C 178 17.05 15.56 -3.20
CA ILE C 178 17.92 16.58 -2.66
C ILE C 178 19.20 15.89 -2.22
N ASN C 179 20.26 16.08 -2.98
CA ASN C 179 21.57 15.53 -2.67
C ASN C 179 22.43 16.67 -2.17
N LEU C 180 22.89 16.58 -0.92
CA LEU C 180 23.59 17.70 -0.30
C LEU C 180 24.85 18.06 -1.07
N ARG C 181 25.33 17.18 -1.95
CA ARG C 181 26.44 17.55 -2.81
C ARG C 181 25.99 18.42 -3.97
N THR C 182 24.83 18.11 -4.56
CA THR C 182 24.43 18.78 -5.80
C THR C 182 23.52 19.98 -5.55
N ASN C 183 22.27 19.73 -5.17
CA ASN C 183 21.27 20.79 -5.07
C ASN C 183 20.71 20.87 -3.65
N ASN C 184 20.34 22.07 -3.23
CA ASN C 184 19.75 22.29 -1.93
C ASN C 184 18.22 22.38 -1.95
N SER C 185 17.58 22.16 -3.10
CA SER C 185 16.13 22.27 -3.16
C SER C 185 15.56 21.31 -4.18
N ALA C 186 14.29 20.97 -3.99
CA ALA C 186 13.54 20.11 -4.91
C ALA C 186 12.17 20.73 -5.15
N THR C 187 11.71 20.66 -6.40
CA THR C 187 10.45 21.28 -6.80
C THR C 187 9.62 20.29 -7.60
N ILE C 188 8.35 20.15 -7.23
CA ILE C 188 7.44 19.23 -7.89
C ILE C 188 6.13 19.96 -8.13
N VAL C 189 5.60 19.83 -9.35
CA VAL C 189 4.35 20.48 -9.73
C VAL C 189 3.29 19.41 -9.93
N LEU C 190 2.27 19.44 -9.08
CA LEU C 190 1.26 18.38 -9.03
C LEU C 190 -0.04 18.89 -9.61
N PRO C 191 -0.60 18.24 -10.63
CA PRO C 191 -1.94 18.58 -11.10
C PRO C 191 -2.98 17.97 -10.18
N TRP C 192 -4.25 18.22 -10.50
CA TRP C 192 -5.34 17.59 -9.78
C TRP C 192 -5.37 16.11 -10.13
N MET C 193 -5.24 15.26 -9.12
CA MET C 193 -5.27 13.81 -9.32
C MET C 193 -6.40 13.26 -8.46
N ASN C 194 -7.49 12.85 -9.12
CA ASN C 194 -8.62 12.27 -8.42
C ASN C 194 -9.49 11.55 -9.44
N ALA C 195 -10.33 10.65 -8.94
CA ALA C 195 -11.33 10.01 -9.80
C ALA C 195 -12.50 10.94 -10.09
N ALA C 196 -12.92 11.72 -9.11
CA ALA C 196 -13.99 12.70 -9.17
C ALA C 196 -13.44 14.06 -9.59
N PRO C 197 -14.21 14.87 -10.32
CA PRO C 197 -13.69 16.18 -10.75
C PRO C 197 -13.48 17.14 -9.59
N MET C 198 -14.30 17.07 -8.54
CA MET C 198 -14.10 17.87 -7.34
C MET C 198 -14.27 16.95 -6.13
N ASP C 199 -13.83 17.42 -4.97
CA ASP C 199 -13.72 16.54 -3.83
C ASP C 199 -14.01 17.30 -2.54
N PHE C 200 -14.32 16.55 -1.49
CA PHE C 200 -14.60 17.14 -0.20
C PHE C 200 -13.29 17.36 0.55
N PRO C 201 -13.00 18.58 1.02
CA PRO C 201 -11.62 18.89 1.42
C PRO C 201 -11.15 18.18 2.68
N LEU C 202 -12.05 17.96 3.64
CA LEU C 202 -11.60 17.53 4.97
C LEU C 202 -11.27 16.04 4.99
N ARG C 203 -12.14 15.22 4.39
CA ARG C 203 -12.00 13.78 4.55
C ARG C 203 -10.93 13.18 3.65
N HIS C 204 -10.93 13.54 2.36
CA HIS C 204 -10.13 12.85 1.36
C HIS C 204 -8.86 13.66 1.07
N ASN C 205 -7.73 12.96 1.02
CA ASN C 205 -6.43 13.55 0.73
C ASN C 205 -5.88 12.94 -0.55
N GLN C 206 -5.70 13.77 -1.58
CA GLN C 206 -5.26 13.24 -2.87
C GLN C 206 -3.78 12.89 -2.85
N TRP C 207 -2.93 13.80 -2.38
CA TRP C 207 -1.48 13.64 -2.44
C TRP C 207 -0.90 13.52 -1.05
N THR C 208 0.21 12.79 -0.95
CA THR C 208 0.97 12.67 0.29
C THR C 208 2.42 13.02 -0.01
N LEU C 209 2.88 14.13 0.57
CA LEU C 209 4.27 14.54 0.40
C LEU C 209 5.15 13.76 1.37
N ALA C 210 6.12 13.03 0.84
CA ALA C 210 6.99 12.16 1.63
C ALA C 210 8.44 12.53 1.41
N ILE C 211 9.10 12.99 2.46
CA ILE C 211 10.53 13.31 2.43
C ILE C 211 11.25 12.24 3.24
N ILE C 212 12.09 11.46 2.57
CA ILE C 212 12.74 10.34 3.24
C ILE C 212 14.25 10.48 3.09
N PRO C 213 15.02 10.21 4.15
CA PRO C 213 16.48 10.32 4.06
C PRO C 213 17.14 9.01 3.67
N VAL C 214 17.16 8.69 2.37
CA VAL C 214 17.77 7.44 1.92
C VAL C 214 19.22 7.35 2.40
N VAL C 215 19.94 8.45 2.32
CA VAL C 215 21.30 8.56 2.85
C VAL C 215 21.28 9.58 3.99
N PRO C 216 21.56 9.20 5.23
CA PRO C 216 21.57 10.19 6.31
C PRO C 216 22.74 11.15 6.18
N LEU C 217 22.84 12.13 7.07
CA LEU C 217 23.95 13.08 7.02
C LEU C 217 24.85 12.89 8.22
N GLY C 218 26.15 12.98 7.98
CA GLY C 218 27.13 13.00 9.05
C GLY C 218 28.38 13.70 8.58
N THR C 219 29.12 14.27 9.53
CA THR C 219 30.33 15.00 9.20
C THR C 219 31.19 15.11 10.46
N ARG C 220 32.47 15.37 10.24
CA ARG C 220 33.41 15.60 11.33
C ARG C 220 33.60 17.08 11.64
N THR C 221 32.90 17.97 10.93
CA THR C 221 32.84 19.37 11.32
C THR C 221 31.94 19.55 12.53
N THR C 222 32.07 20.70 13.18
CA THR C 222 31.23 21.04 14.32
C THR C 222 29.76 20.89 13.95
N SER C 223 29.03 20.16 14.79
CA SER C 223 27.64 19.82 14.48
C SER C 223 26.76 21.07 14.51
N SER C 224 25.74 21.06 13.66
CA SER C 224 24.79 22.17 13.57
C SER C 224 23.44 21.63 13.14
N MET C 225 22.38 22.30 13.59
CA MET C 225 21.04 21.91 13.21
C MET C 225 20.83 22.11 11.71
N VAL C 226 20.34 21.08 11.05
CA VAL C 226 19.96 21.21 9.64
C VAL C 226 18.45 21.05 9.53
N PRO C 227 17.69 22.13 9.37
CA PRO C 227 16.24 22.01 9.19
C PRO C 227 15.88 21.65 7.76
N ILE C 228 14.67 21.09 7.62
CA ILE C 228 14.07 20.82 6.32
C ILE C 228 12.77 21.60 6.24
N THR C 229 12.72 22.58 5.35
CA THR C 229 11.58 23.46 5.20
C THR C 229 10.78 23.09 3.96
N VAL C 230 9.45 23.13 4.08
CA VAL C 230 8.55 22.80 2.98
C VAL C 230 7.67 24.01 2.71
N SER C 231 7.56 24.38 1.43
CA SER C 231 6.71 25.47 0.98
C SER C 231 5.75 24.94 -0.07
N ILE C 232 4.45 24.98 0.23
CA ILE C 232 3.43 24.39 -0.64
C ILE C 232 2.51 25.50 -1.11
N ALA C 233 2.37 25.63 -2.43
CA ALA C 233 1.54 26.65 -3.04
C ALA C 233 0.39 26.01 -3.81
N PRO C 234 -0.86 26.24 -3.42
CA PRO C 234 -1.97 25.77 -4.24
C PRO C 234 -2.01 26.48 -5.58
N MET C 235 -2.60 25.82 -6.58
CA MET C 235 -2.68 26.39 -7.92
C MET C 235 -4.03 26.06 -8.54
N CYS C 236 -4.62 27.04 -9.20
CA CYS C 236 -5.88 26.88 -9.93
C CYS C 236 -6.99 26.37 -8.99
N CYS C 237 -7.17 27.07 -7.88
CA CYS C 237 -8.15 26.66 -6.89
C CYS C 237 -9.57 27.01 -7.35
N GLU C 238 -10.49 26.08 -7.10
CA GLU C 238 -11.92 26.33 -7.27
C GLU C 238 -12.63 25.85 -6.02
N PHE C 239 -13.82 26.38 -5.79
CA PHE C 239 -14.61 26.01 -4.63
C PHE C 239 -16.09 26.09 -4.97
N ASN C 240 -16.87 25.18 -4.41
CA ASN C 240 -18.32 25.16 -4.59
C ASN C 240 -18.97 24.82 -3.26
N GLY C 241 -20.29 24.99 -3.21
CA GLY C 241 -21.03 24.67 -2.02
C GLY C 241 -20.80 25.65 -0.90
N LEU C 242 -20.98 26.93 -1.18
CA LEU C 242 -20.79 27.96 -0.16
C LEU C 242 -21.83 27.79 0.95
N ARG C 243 -21.35 27.71 2.18
CA ARG C 243 -22.23 27.59 3.34
C ARG C 243 -21.48 28.14 4.55
N HIS C 244 -22.03 27.93 5.74
CA HIS C 244 -21.32 28.30 6.95
C HIS C 244 -20.13 27.38 7.17
N ALA C 245 -19.18 27.85 7.97
CA ALA C 245 -17.98 27.09 8.24
C ALA C 245 -18.26 25.95 9.22
N ILE C 246 -17.44 24.90 9.14
CA ILE C 246 -17.59 23.78 10.06
C ILE C 246 -17.06 24.16 11.44
N THR C 247 -15.89 24.81 11.46
CA THR C 247 -15.17 25.23 12.67
C THR C 247 -15.33 24.28 13.87
N ASN D 27 -13.71 -12.82 -36.75
CA ASN D 27 -13.51 -12.52 -35.33
C ASN D 27 -14.39 -11.36 -34.90
N GLN D 28 -14.42 -11.11 -33.58
CA GLN D 28 -15.23 -10.05 -32.98
C GLN D 28 -16.70 -10.20 -33.35
N ILE D 29 -17.31 -11.25 -32.81
CA ILE D 29 -18.72 -11.53 -33.01
C ILE D 29 -19.47 -11.08 -31.76
N ASN D 30 -20.26 -10.02 -31.90
CA ASN D 30 -21.08 -9.51 -30.80
C ASN D 30 -22.51 -9.36 -31.31
N PHE D 31 -23.41 -10.18 -30.78
CA PHE D 31 -24.83 -10.05 -31.06
C PHE D 31 -25.57 -9.30 -29.97
N TYR D 32 -24.87 -8.88 -28.91
CA TYR D 32 -25.50 -8.15 -27.82
C TYR D 32 -25.62 -6.67 -28.17
N LYS D 33 -26.68 -6.05 -27.66
CA LYS D 33 -26.95 -4.66 -27.95
C LYS D 33 -26.07 -3.71 -27.16
N ASP D 34 -25.78 -4.02 -25.90
CA ASP D 34 -24.99 -3.14 -25.05
C ASP D 34 -23.52 -3.21 -25.44
N SER D 35 -22.90 -2.03 -25.54
CA SER D 35 -21.52 -1.95 -26.04
C SER D 35 -20.51 -2.49 -25.04
N TYR D 36 -20.77 -2.35 -23.74
CA TYR D 36 -19.80 -2.82 -22.75
C TYR D 36 -19.74 -4.33 -22.68
N ALA D 37 -20.68 -5.04 -23.29
CA ALA D 37 -20.68 -6.49 -23.28
C ALA D 37 -19.77 -7.08 -24.36
N ALA D 38 -19.13 -6.23 -25.17
CA ALA D 38 -18.21 -6.72 -26.18
C ALA D 38 -16.99 -7.36 -25.53
N SER D 39 -16.31 -8.20 -26.31
CA SER D 39 -15.06 -8.80 -25.86
C SER D 39 -13.93 -7.78 -25.81
N ALA D 40 -12.96 -8.01 -24.93
CA ALA D 40 -11.92 -7.03 -24.68
C ALA D 40 -11.06 -6.80 -25.92
N SER D 41 -10.64 -5.56 -26.12
CA SER D 41 -9.84 -5.20 -27.28
C SER D 41 -8.41 -4.85 -26.87
N LYS D 42 -7.44 -5.52 -27.50
CA LYS D 42 -6.07 -5.56 -26.99
C LYS D 42 -5.10 -4.60 -27.69
N GLN D 43 -5.60 -3.80 -28.62
CA GLN D 43 -4.76 -3.21 -29.66
C GLN D 43 -4.18 -1.83 -29.36
N ASP D 44 -4.46 -1.26 -28.20
CA ASP D 44 -3.98 0.09 -27.88
C ASP D 44 -2.48 0.02 -27.63
N PHE D 45 -1.71 0.21 -28.69
CA PHE D 45 -0.26 0.19 -28.60
C PHE D 45 0.36 1.57 -28.39
N SER D 46 -0.45 2.59 -28.10
CA SER D 46 0.10 3.90 -27.75
C SER D 46 0.80 3.84 -26.40
N GLN D 47 1.99 4.43 -26.37
CA GLN D 47 2.71 4.67 -25.14
C GLN D 47 3.22 6.10 -25.14
N ASP D 48 3.34 6.67 -23.95
CA ASP D 48 4.17 7.85 -23.77
C ASP D 48 5.07 7.66 -22.55
N PRO D 49 6.09 6.82 -22.68
CA PRO D 49 7.04 6.63 -21.58
C PRO D 49 7.70 7.92 -21.14
N SER D 50 7.63 8.98 -21.95
CA SER D 50 8.31 10.22 -21.60
C SER D 50 7.70 10.90 -20.38
N LYS D 51 6.46 10.58 -20.03
CA LYS D 51 5.87 11.20 -18.84
C LYS D 51 6.46 10.61 -17.57
N PHE D 52 6.74 9.31 -17.56
CA PHE D 52 7.37 8.70 -16.40
C PHE D 52 8.89 8.88 -16.41
N THR D 53 9.52 8.71 -17.58
CA THR D 53 10.98 8.73 -17.64
C THR D 53 11.54 10.15 -17.61
N GLU D 54 10.89 11.08 -18.29
CA GLU D 54 11.36 12.47 -18.39
C GLU D 54 10.26 13.42 -17.93
N PRO D 55 9.92 13.40 -16.63
CA PRO D 55 8.84 14.25 -16.12
C PRO D 55 9.32 15.64 -15.71
N VAL D 56 10.03 16.31 -16.61
CA VAL D 56 10.66 17.59 -16.30
C VAL D 56 10.18 18.63 -17.31
N VAL D 57 10.61 19.87 -17.10
CA VAL D 57 10.26 20.94 -18.03
C VAL D 57 11.16 20.91 -19.26
N GLU D 58 12.37 20.37 -19.14
CA GLU D 58 13.31 20.32 -20.26
C GLU D 58 13.52 18.89 -20.75
N ALA D 64 25.76 15.93 -23.52
CA ALA D 64 25.88 17.29 -22.99
C ALA D 64 25.50 17.34 -21.52
N PRO D 65 26.26 18.09 -20.72
CA PRO D 65 25.96 18.20 -19.30
C PRO D 65 24.59 18.83 -19.07
N VAL D 66 23.78 18.19 -18.23
CA VAL D 66 22.46 18.72 -17.95
C VAL D 66 22.51 19.86 -16.94
N LEU D 67 23.54 19.87 -16.08
CA LEU D 67 23.69 20.94 -15.09
C LEU D 67 24.96 21.73 -15.34
N GLN E 1 3.18 -18.80 33.27
CA GLN E 1 3.84 -18.47 32.02
C GLN E 1 3.62 -17.00 31.68
N VAL E 2 2.62 -16.73 30.86
CA VAL E 2 2.28 -15.36 30.46
C VAL E 2 1.47 -14.71 31.58
N GLN E 3 1.89 -13.52 31.98
CA GLN E 3 1.24 -12.84 33.10
C GLN E 3 1.43 -11.34 32.93
N LEU E 4 0.46 -10.58 33.45
CA LEU E 4 0.50 -9.12 33.46
C LEU E 4 0.08 -8.64 34.83
N GLN E 5 0.96 -7.93 35.53
CA GLN E 5 0.66 -7.36 36.84
C GLN E 5 1.27 -5.97 36.94
N GLN E 6 0.44 -5.00 37.33
CA GLN E 6 0.90 -3.64 37.58
C GLN E 6 0.65 -3.27 39.04
N PRO E 7 1.70 -3.01 39.82
CA PRO E 7 1.49 -2.59 41.21
C PRO E 7 1.36 -1.08 41.34
N GLY E 8 1.28 -0.59 42.58
CA GLY E 8 1.29 0.83 42.83
C GLY E 8 -0.08 1.48 42.86
N ALA E 9 -0.12 2.78 42.53
CA ALA E 9 -1.35 3.57 42.51
C ALA E 9 -2.04 3.57 43.87
N GLU E 10 -1.44 4.24 44.84
CA GLU E 10 -2.01 4.31 46.18
C GLU E 10 -2.68 5.66 46.40
N LEU E 11 -1.88 6.70 46.61
CA LEU E 11 -2.38 8.05 46.87
C LEU E 11 -1.49 9.06 46.17
N VAL E 12 -2.12 9.94 45.39
CA VAL E 12 -1.41 11.02 44.72
C VAL E 12 -2.22 12.29 44.86
N MET E 13 -1.56 13.35 45.32
CA MET E 13 -2.22 14.64 45.49
C MET E 13 -2.65 15.20 44.13
N PRO E 14 -3.71 16.00 44.09
CA PRO E 14 -4.15 16.59 42.82
C PRO E 14 -3.08 17.48 42.22
N GLY E 15 -3.11 17.59 40.89
CA GLY E 15 -2.15 18.40 40.17
C GLY E 15 -0.78 17.77 40.02
N ALA E 16 -0.50 16.68 40.71
CA ALA E 16 0.79 15.99 40.61
C ALA E 16 0.78 15.09 39.38
N SER E 17 1.80 14.24 39.28
CA SER E 17 1.90 13.27 38.20
C SER E 17 1.99 11.86 38.77
N VAL E 18 1.64 10.88 37.93
CA VAL E 18 1.70 9.47 38.30
C VAL E 18 2.22 8.67 37.13
N LYS E 19 3.11 7.71 37.43
CA LYS E 19 3.73 6.86 36.43
C LYS E 19 3.24 5.43 36.64
N MET E 20 2.45 4.93 35.71
CA MET E 20 1.95 3.56 35.76
C MET E 20 3.01 2.63 35.20
N SER E 21 3.18 1.48 35.84
CA SER E 21 4.16 0.48 35.41
C SER E 21 3.47 -0.87 35.28
N CYS E 22 3.36 -1.37 34.06
CA CYS E 22 2.73 -2.66 33.77
C CYS E 22 3.76 -3.56 33.13
N LYS E 23 4.14 -4.63 33.82
CA LYS E 23 5.19 -5.53 33.37
C LYS E 23 4.60 -6.70 32.59
N ALA E 24 5.31 -7.10 31.54
CA ALA E 24 4.90 -8.21 30.69
C ALA E 24 5.93 -9.33 30.76
N SER E 25 5.47 -10.57 30.70
CA SER E 25 6.35 -11.72 30.72
C SER E 25 5.64 -12.91 30.09
N GLY E 26 6.41 -13.90 29.70
CA GLY E 26 5.88 -15.13 29.14
C GLY E 26 5.93 -15.22 27.64
N TYR E 27 6.33 -14.16 26.95
CA TYR E 27 6.36 -14.14 25.50
C TYR E 27 7.36 -13.08 25.05
N THR E 28 7.48 -12.90 23.74
CA THR E 28 8.36 -11.88 23.19
C THR E 28 7.67 -10.52 23.28
N PHE E 29 8.28 -9.59 24.02
CA PHE E 29 7.59 -8.36 24.38
C PHE E 29 7.37 -7.45 23.18
N THR E 30 8.28 -7.47 22.21
CA THR E 30 8.20 -6.54 21.09
C THR E 30 7.34 -7.05 19.94
N ASP E 31 6.73 -8.22 20.07
CA ASP E 31 5.92 -8.81 19.02
C ASP E 31 4.43 -8.54 19.17
N TYR E 32 4.00 -7.80 20.18
CA TYR E 32 2.59 -7.59 20.44
C TYR E 32 2.32 -6.16 20.88
N TRP E 33 1.18 -5.62 20.47
CA TRP E 33 0.75 -4.27 20.87
C TRP E 33 0.25 -4.21 22.31
N MET E 34 0.35 -3.03 22.91
CA MET E 34 -0.06 -2.84 24.30
C MET E 34 -1.22 -1.86 24.42
N HIS E 35 -2.27 -2.27 25.11
CA HIS E 35 -3.49 -1.47 25.23
C HIS E 35 -3.72 -1.04 26.67
N TRP E 36 -4.44 0.05 26.84
CA TRP E 36 -4.74 0.62 28.14
C TRP E 36 -6.23 0.95 28.24
N VAL E 37 -6.85 0.55 29.36
CA VAL E 37 -8.27 0.74 29.60
C VAL E 37 -8.45 1.18 31.05
N LYS E 38 -9.34 2.16 31.25
CA LYS E 38 -9.69 2.64 32.57
C LYS E 38 -11.11 2.22 32.90
N GLN E 39 -11.38 1.99 34.18
CA GLN E 39 -12.74 1.71 34.66
C GLN E 39 -13.00 2.49 35.93
N ARG E 40 -13.97 3.38 35.89
CA ARG E 40 -14.42 4.07 37.08
C ARG E 40 -15.28 3.12 37.92
N PRO E 41 -15.57 3.49 39.18
CA PRO E 41 -16.55 2.72 39.96
C PRO E 41 -17.92 2.68 39.29
N GLY E 42 -18.16 3.57 38.32
CA GLY E 42 -19.36 3.55 37.52
C GLY E 42 -19.46 2.38 36.56
N GLN E 43 -18.47 1.50 36.53
CA GLN E 43 -18.41 0.23 35.82
C GLN E 43 -18.28 0.40 34.30
N GLY E 44 -18.35 1.62 33.76
CA GLY E 44 -18.11 1.81 32.34
C GLY E 44 -16.65 1.76 32.00
N LEU E 45 -16.35 1.29 30.79
CA LEU E 45 -14.99 1.17 30.30
C LEU E 45 -14.72 2.23 29.23
N GLU E 46 -13.52 2.80 29.28
CA GLU E 46 -13.02 3.66 28.21
C GLU E 46 -11.62 3.21 27.84
N TRP E 47 -11.24 3.48 26.59
CA TRP E 47 -9.98 3.01 26.03
C TRP E 47 -8.99 4.18 26.02
N ILE E 48 -7.96 4.08 26.88
CA ILE E 48 -6.99 5.17 27.00
C ILE E 48 -6.22 5.33 25.71
N GLY E 49 -5.60 4.26 25.24
CA GLY E 49 -4.78 4.31 24.04
C GLY E 49 -3.95 3.06 23.92
N ALA E 50 -3.18 3.02 22.84
CA ALA E 50 -2.32 1.88 22.54
C ALA E 50 -0.98 2.36 22.02
N ILE E 51 0.09 1.71 22.48
CA ILE E 51 1.44 2.01 22.04
C ILE E 51 1.96 0.85 21.20
N ASP E 52 2.56 1.16 20.06
CA ASP E 52 3.24 0.13 19.29
C ASP E 52 4.53 -0.23 20.00
N THR E 53 4.68 -1.50 20.35
CA THR E 53 5.86 -1.91 21.09
C THR E 53 7.09 -1.96 20.19
N SER E 54 6.87 -2.02 18.88
CA SER E 54 8.00 -2.21 17.97
C SER E 54 8.94 -1.02 18.10
N ASP E 55 8.33 0.14 18.25
CA ASP E 55 9.04 1.38 18.52
C ASP E 55 8.20 2.18 19.51
N SER E 56 8.28 3.51 19.43
CA SER E 56 7.60 4.36 20.40
C SER E 56 6.15 4.62 20.03
N TYR E 57 5.75 4.21 18.82
CA TYR E 57 4.52 4.69 18.21
C TYR E 57 3.28 4.45 19.06
N THR E 58 2.42 5.46 19.12
CA THR E 58 1.32 5.47 20.07
C THR E 58 0.05 5.94 19.37
N THR E 59 -1.09 5.41 19.81
CA THR E 59 -2.40 5.84 19.33
C THR E 59 -3.29 6.07 20.55
N TYR E 60 -3.93 7.23 20.61
CA TYR E 60 -4.71 7.63 21.77
C TYR E 60 -6.16 7.88 21.39
N ASN E 61 -7.02 7.86 22.40
CA ASN E 61 -8.38 8.32 22.24
C ASN E 61 -8.41 9.84 22.32
N ARG E 62 -9.34 10.46 21.58
CA ARG E 62 -9.37 11.91 21.48
C ARG E 62 -9.59 12.57 22.84
N LYS E 63 -10.30 11.90 23.74
CA LYS E 63 -10.60 12.50 25.04
C LYS E 63 -9.35 12.59 25.92
N PHE E 64 -8.43 11.65 25.79
CA PHE E 64 -7.25 11.57 26.65
C PHE E 64 -6.03 12.24 26.04
N LYS E 65 -6.18 12.89 24.88
CA LYS E 65 -5.06 13.60 24.27
C LYS E 65 -4.49 14.63 25.24
N GLY E 66 -3.20 14.53 25.51
CA GLY E 66 -2.52 15.40 26.45
C GLY E 66 -2.67 15.03 27.91
N LYS E 67 -3.67 14.23 28.25
CA LYS E 67 -3.80 13.76 29.64
C LYS E 67 -2.91 12.56 29.89
N ALA E 68 -2.84 11.63 28.95
CA ALA E 68 -2.08 10.39 29.10
C ALA E 68 -0.91 10.37 28.12
N THR E 69 0.20 9.80 28.56
CA THR E 69 1.40 9.64 27.73
C THR E 69 1.92 8.23 27.91
N LEU E 70 1.99 7.48 26.81
CA LEU E 70 2.43 6.10 26.82
C LEU E 70 3.89 6.01 26.40
N THR E 71 4.66 5.17 27.10
CA THR E 71 6.04 4.89 26.75
C THR E 71 6.40 3.51 27.25
N VAL E 72 7.39 2.89 26.60
CA VAL E 72 7.81 1.54 26.91
C VAL E 72 9.34 1.49 27.00
N ASP E 73 9.82 0.39 27.57
CA ASP E 73 11.25 0.08 27.61
C ASP E 73 11.43 -1.34 27.08
N GLU E 74 12.12 -1.47 25.94
CA GLU E 74 12.29 -2.77 25.31
C GLU E 74 13.07 -3.74 26.19
N SER E 75 13.90 -3.24 27.10
CA SER E 75 14.69 -4.12 27.96
C SER E 75 13.83 -4.73 29.05
N SER E 76 13.29 -3.90 29.95
CA SER E 76 12.52 -4.39 31.09
C SER E 76 11.21 -5.05 30.68
N SER E 77 10.82 -4.96 29.41
CA SER E 77 9.57 -5.54 28.92
C SER E 77 8.36 -4.98 29.65
N THR E 78 8.43 -3.69 29.96
CA THR E 78 7.37 -3.00 30.70
C THR E 78 6.82 -1.86 29.85
N ALA E 79 5.57 -1.50 30.13
CA ALA E 79 4.90 -0.38 29.47
C ALA E 79 4.47 0.64 30.51
N TYR E 80 4.79 1.90 30.26
CA TYR E 80 4.50 2.98 31.19
C TYR E 80 3.42 3.89 30.61
N MET E 81 2.57 4.41 31.48
CA MET E 81 1.55 5.37 31.10
C MET E 81 1.65 6.59 32.01
N GLN E 82 2.04 7.73 31.44
CA GLN E 82 2.23 8.96 32.18
C GLN E 82 0.93 9.75 32.18
N LEU E 83 0.33 9.91 33.35
CA LEU E 83 -0.91 10.65 33.53
C LEU E 83 -0.60 11.98 34.18
N ILE E 84 -0.90 13.07 33.49
CA ILE E 84 -0.72 14.41 34.04
C ILE E 84 -2.10 15.05 34.21
N SER E 85 -2.12 16.27 34.76
CA SER E 85 -3.37 16.97 35.06
C SER E 85 -4.30 16.10 35.90
N LEU E 86 -3.74 15.56 36.98
CA LEU E 86 -4.50 14.64 37.82
C LEU E 86 -5.57 15.38 38.61
N THR E 87 -6.80 14.91 38.50
CA THR E 87 -7.94 15.45 39.21
C THR E 87 -8.73 14.30 39.84
N SER E 88 -9.67 14.65 40.71
CA SER E 88 -10.56 13.64 41.28
C SER E 88 -11.31 12.87 40.20
N GLU E 89 -11.59 13.52 39.07
CA GLU E 89 -12.25 12.84 37.97
C GLU E 89 -11.36 11.80 37.30
N ASP E 90 -10.05 11.88 37.51
CA ASP E 90 -9.12 10.90 36.96
C ASP E 90 -8.99 9.65 37.83
N SER E 91 -9.67 9.62 38.98
CA SER E 91 -9.61 8.46 39.86
C SER E 91 -10.47 7.34 39.30
N ALA E 92 -9.86 6.19 39.04
CA ALA E 92 -10.54 5.04 38.45
C ALA E 92 -9.60 3.85 38.55
N VAL E 93 -10.04 2.72 38.02
CA VAL E 93 -9.24 1.50 37.94
C VAL E 93 -8.67 1.43 36.53
N TYR E 94 -7.35 1.34 36.42
CA TYR E 94 -6.69 1.29 35.11
C TYR E 94 -6.21 -0.13 34.82
N TYR E 95 -6.42 -0.56 33.57
CA TYR E 95 -6.06 -1.89 33.11
C TYR E 95 -5.04 -1.80 31.99
N CYS E 96 -4.26 -2.86 31.84
CA CYS E 96 -3.31 -3.00 30.73
C CYS E 96 -3.47 -4.40 30.16
N ALA E 97 -3.60 -4.48 28.83
CA ALA E 97 -3.86 -5.73 28.14
C ALA E 97 -2.89 -5.88 26.97
N ARG E 98 -2.83 -7.10 26.43
CA ARG E 98 -1.95 -7.38 25.31
C ARG E 98 -2.72 -7.09 24.02
N GLY E 99 -2.20 -7.54 22.88
CA GLY E 99 -2.73 -7.16 21.58
C GLY E 99 -2.03 -7.91 20.47
N GLY E 100 -2.04 -7.37 19.26
CA GLY E 100 -1.38 -7.97 18.14
C GLY E 100 -2.35 -8.52 17.11
N GLY E 101 -1.83 -8.69 15.89
CA GLY E 101 -2.70 -9.00 14.77
C GLY E 101 -3.30 -10.39 14.85
N GLY E 102 -2.46 -11.40 15.10
CA GLY E 102 -2.92 -12.77 15.20
C GLY E 102 -3.89 -12.97 16.35
N ASN E 103 -4.87 -13.84 16.08
CA ASN E 103 -5.84 -14.34 17.08
C ASN E 103 -6.43 -13.24 17.96
N SER E 104 -6.62 -12.05 17.39
CA SER E 104 -7.34 -10.92 17.98
C SER E 104 -6.59 -10.35 19.18
N PRO E 105 -6.87 -9.10 19.57
CA PRO E 105 -6.20 -8.54 20.76
C PRO E 105 -6.94 -8.87 22.04
N PHE E 106 -6.43 -8.35 23.16
CA PHE E 106 -7.09 -8.45 24.46
C PHE E 106 -7.26 -9.90 24.89
N ALA E 107 -6.29 -10.73 24.54
CA ALA E 107 -6.33 -12.12 24.98
C ALA E 107 -5.99 -12.24 26.46
N TYR E 108 -5.19 -11.31 26.98
CA TYR E 108 -4.73 -11.33 28.35
C TYR E 108 -4.92 -9.95 28.98
N TRP E 109 -5.00 -9.94 30.31
CA TRP E 109 -5.33 -8.73 31.06
C TRP E 109 -4.50 -8.65 32.33
N GLY E 110 -4.52 -7.47 32.95
CA GLY E 110 -3.83 -7.24 34.20
C GLY E 110 -4.77 -7.25 35.40
N GLN E 111 -4.19 -7.01 36.57
CA GLN E 111 -4.97 -7.05 37.80
C GLN E 111 -5.80 -5.78 37.97
N GLY E 112 -5.23 -4.63 37.64
CA GLY E 112 -5.93 -3.37 37.80
C GLY E 112 -5.48 -2.63 39.05
N THR E 113 -5.49 -1.30 38.97
CA THR E 113 -5.06 -0.44 40.06
C THR E 113 -6.04 0.70 40.23
N LEU E 114 -6.56 0.85 41.45
CA LEU E 114 -7.48 1.94 41.74
C LEU E 114 -6.70 3.17 42.22
N VAL E 115 -6.80 4.25 41.46
CA VAL E 115 -6.11 5.50 41.74
C VAL E 115 -7.05 6.38 42.55
N THR E 116 -6.53 6.97 43.63
CA THR E 116 -7.29 7.88 44.48
C THR E 116 -6.46 9.12 44.75
N VAL E 117 -7.15 10.23 45.01
CA VAL E 117 -6.51 11.51 45.27
C VAL E 117 -6.84 11.95 46.69
N SER E 118 -5.93 12.72 47.29
CA SER E 118 -6.10 13.27 48.62
C SER E 118 -6.01 14.79 48.54
N ALA E 119 -7.12 15.47 48.78
CA ALA E 119 -7.15 16.92 48.73
C ALA E 119 -7.42 17.51 50.11
N ASP F 1 -15.55 7.79 15.45
CA ASP F 1 -15.73 6.90 16.59
C ASP F 1 -16.94 6.00 16.37
N ILE F 2 -16.69 4.73 16.06
CA ILE F 2 -17.80 3.80 15.89
C ILE F 2 -18.37 3.44 17.26
N GLN F 3 -19.65 3.72 17.45
CA GLN F 3 -20.30 3.56 18.74
C GLN F 3 -20.93 2.18 18.82
N MET F 4 -20.54 1.41 19.82
CA MET F 4 -21.12 0.10 20.09
C MET F 4 -22.25 0.26 21.09
N THR F 5 -23.47 -0.03 20.65
CA THR F 5 -24.65 0.12 21.49
C THR F 5 -25.04 -1.26 22.01
N GLN F 6 -24.87 -1.47 23.31
CA GLN F 6 -25.11 -2.77 23.95
C GLN F 6 -26.49 -2.76 24.58
N SER F 7 -27.29 -3.76 24.24
CA SER F 7 -28.64 -3.90 24.80
C SER F 7 -28.99 -5.36 25.05
N PRO F 8 -29.75 -5.63 26.11
CA PRO F 8 -30.23 -4.67 27.11
C PRO F 8 -29.16 -4.30 28.13
N SER F 9 -29.32 -3.14 28.77
CA SER F 9 -28.38 -2.70 29.79
C SER F 9 -28.49 -3.52 31.07
N SER F 10 -29.61 -4.20 31.27
CA SER F 10 -29.80 -5.04 32.45
C SER F 10 -30.79 -6.15 32.12
N LEU F 11 -30.72 -7.22 32.89
CA LEU F 11 -31.60 -8.35 32.70
C LEU F 11 -31.71 -9.13 34.00
N SER F 12 -32.75 -9.95 34.09
CA SER F 12 -32.98 -10.83 35.23
C SER F 12 -33.38 -12.19 34.73
N ALA F 13 -32.68 -13.23 35.18
CA ALA F 13 -32.98 -14.59 34.78
C ALA F 13 -32.59 -15.54 35.90
N SER F 14 -33.16 -16.75 35.85
CA SER F 14 -32.88 -17.77 36.84
C SER F 14 -31.83 -18.74 36.29
N LEU F 15 -31.51 -19.76 37.09
CA LEU F 15 -30.49 -20.72 36.71
C LEU F 15 -31.00 -21.62 35.59
N GLY F 16 -30.11 -21.96 34.67
CA GLY F 16 -30.46 -22.84 33.56
C GLY F 16 -31.37 -22.22 32.53
N GLU F 17 -31.30 -20.91 32.34
CA GLU F 17 -32.16 -20.21 31.38
C GLU F 17 -31.29 -19.57 30.30
N ARG F 18 -31.69 -19.77 29.05
CA ARG F 18 -30.94 -19.24 27.92
C ARG F 18 -31.19 -17.74 27.78
N VAL F 19 -30.10 -16.97 27.77
CA VAL F 19 -30.16 -15.52 27.61
C VAL F 19 -29.22 -15.14 26.47
N SER F 20 -29.44 -13.92 25.95
CA SER F 20 -28.64 -13.42 24.85
C SER F 20 -28.31 -11.95 25.09
N LEU F 21 -27.20 -11.50 24.48
CA LEU F 21 -26.75 -10.12 24.58
C LEU F 21 -26.39 -9.64 23.18
N THR F 22 -26.94 -8.49 22.80
CA THR F 22 -26.76 -7.94 21.46
C THR F 22 -26.10 -6.57 21.53
N CYS F 23 -25.09 -6.36 20.69
CA CYS F 23 -24.45 -5.06 20.54
C CYS F 23 -24.66 -4.56 19.12
N ARG F 24 -24.94 -3.26 18.99
CA ARG F 24 -25.17 -2.63 17.71
C ARG F 24 -23.90 -1.92 17.23
N ALA F 25 -23.65 -1.98 15.92
CA ALA F 25 -22.54 -1.29 15.31
C ALA F 25 -23.08 -0.33 14.26
N SER F 26 -22.87 0.97 14.47
CA SER F 26 -23.37 1.97 13.53
C SER F 26 -22.69 1.85 12.18
N GLN F 27 -21.36 1.91 12.17
CA GLN F 27 -20.58 1.66 10.97
C GLN F 27 -20.17 0.19 10.95
N ASP F 28 -20.12 -0.40 9.77
CA ASP F 28 -19.90 -1.84 9.68
C ASP F 28 -18.49 -2.16 10.14
N ILE F 29 -18.38 -2.96 11.20
CA ILE F 29 -17.11 -3.35 11.77
C ILE F 29 -16.67 -4.74 11.33
N GLY F 30 -17.46 -5.41 10.48
CA GLY F 30 -17.06 -6.70 9.98
C GLY F 30 -17.17 -7.78 11.04
N SER F 31 -16.18 -8.68 11.04
CA SER F 31 -16.15 -9.82 11.94
C SER F 31 -15.39 -9.53 13.23
N SER F 32 -14.96 -8.28 13.44
CA SER F 32 -14.05 -7.98 14.54
C SER F 32 -14.87 -7.59 15.76
N LEU F 33 -14.93 -8.47 16.74
CA LEU F 33 -15.59 -8.16 18.01
C LEU F 33 -15.07 -9.13 19.06
N ASN F 34 -15.16 -8.70 20.33
CA ASN F 34 -14.73 -9.50 21.46
C ASN F 34 -15.72 -9.33 22.58
N TRP F 35 -16.11 -10.43 23.23
CA TRP F 35 -17.00 -10.39 24.38
C TRP F 35 -16.17 -10.56 25.65
N LEU F 36 -16.32 -9.62 26.57
CA LEU F 36 -15.48 -9.54 27.77
C LEU F 36 -16.32 -9.82 29.01
N GLN F 37 -15.87 -10.77 29.83
CA GLN F 37 -16.52 -11.12 31.08
C GLN F 37 -15.65 -10.61 32.22
N GLN F 38 -16.23 -9.75 33.07
CA GLN F 38 -15.52 -9.16 34.20
C GLN F 38 -16.13 -9.68 35.50
N GLU F 39 -15.38 -10.50 36.22
CA GLU F 39 -15.82 -11.01 37.50
C GLU F 39 -15.90 -9.86 38.51
N PRO F 40 -16.68 -10.02 39.59
CA PRO F 40 -16.82 -8.94 40.56
C PRO F 40 -15.51 -8.49 41.19
N ASP F 41 -14.50 -9.36 41.24
CA ASP F 41 -13.22 -8.99 41.83
C ASP F 41 -12.44 -7.99 40.98
N GLY F 42 -12.89 -7.73 39.75
CA GLY F 42 -12.21 -6.81 38.86
C GLY F 42 -11.41 -7.46 37.75
N THR F 43 -11.36 -8.79 37.71
CA THR F 43 -10.61 -9.51 36.69
C THR F 43 -11.44 -9.63 35.43
N ILE F 44 -10.86 -9.20 34.30
CA ILE F 44 -11.49 -9.31 33.00
C ILE F 44 -10.99 -10.57 32.32
N LYS F 45 -11.90 -11.33 31.71
CA LYS F 45 -11.56 -12.55 30.99
C LYS F 45 -12.30 -12.55 29.67
N ARG F 46 -11.57 -12.61 28.56
CA ARG F 46 -12.20 -12.62 27.25
C ARG F 46 -12.90 -13.96 27.03
N LEU F 47 -14.00 -13.91 26.28
CA LEU F 47 -14.79 -15.10 25.96
C LEU F 47 -14.72 -15.40 24.47
N ILE F 48 -15.39 -14.62 23.64
CA ILE F 48 -15.46 -14.86 22.20
C ILE F 48 -14.49 -13.90 21.52
N TYR F 49 -13.74 -14.41 20.54
CA TYR F 49 -12.83 -13.60 19.76
C TYR F 49 -13.19 -13.71 18.28
N ALA F 50 -13.31 -12.55 17.62
CA ALA F 50 -13.71 -12.44 16.22
C ALA F 50 -15.10 -12.99 15.98
N THR F 51 -15.91 -13.11 17.04
CA THR F 51 -17.31 -13.52 16.99
C THR F 51 -17.44 -14.98 16.55
N SER F 52 -16.39 -15.53 15.94
CA SER F 52 -16.45 -16.88 15.39
C SER F 52 -16.18 -17.95 16.43
N SER F 53 -15.19 -17.74 17.30
CA SER F 53 -14.62 -18.81 18.09
C SER F 53 -14.54 -18.42 19.56
N LEU F 54 -14.26 -19.41 20.39
CA LEU F 54 -14.17 -19.27 21.83
C LEU F 54 -12.73 -19.44 22.28
N ASP F 55 -12.37 -18.74 23.36
CA ASP F 55 -11.04 -18.87 23.93
C ASP F 55 -10.81 -20.28 24.47
N SER F 56 -9.54 -20.66 24.54
CA SER F 56 -9.19 -21.98 25.03
C SER F 56 -9.35 -22.05 26.54
N GLY F 57 -10.08 -23.07 27.00
CA GLY F 57 -10.31 -23.25 28.42
C GLY F 57 -11.58 -22.62 28.94
N VAL F 58 -12.34 -21.93 28.11
CA VAL F 58 -13.60 -21.32 28.51
C VAL F 58 -14.73 -22.31 28.27
N PRO F 59 -15.67 -22.46 29.20
CA PRO F 59 -16.77 -23.41 29.00
C PRO F 59 -17.58 -23.10 27.74
N LYS F 60 -18.25 -24.12 27.24
CA LYS F 60 -18.97 -24.04 25.98
C LYS F 60 -20.37 -23.48 26.13
N ARG F 61 -20.75 -23.05 27.33
CA ARG F 61 -22.05 -22.41 27.53
C ARG F 61 -22.22 -21.16 26.66
N PHE F 62 -21.12 -20.57 26.20
CA PHE F 62 -21.16 -19.33 25.44
C PHE F 62 -21.06 -19.59 23.95
N SER F 63 -21.82 -18.84 23.17
CA SER F 63 -21.77 -18.89 21.71
C SER F 63 -21.93 -17.47 21.18
N GLY F 64 -21.63 -17.31 19.90
CA GLY F 64 -21.75 -16.00 19.27
C GLY F 64 -22.01 -16.13 17.78
N SER F 65 -22.66 -15.11 17.22
CA SER F 65 -23.00 -15.11 15.81
C SER F 65 -23.25 -13.67 15.38
N ARG F 66 -23.18 -13.45 14.07
CA ARG F 66 -23.59 -12.18 13.49
C ARG F 66 -24.77 -12.40 12.57
N SER F 67 -25.82 -11.63 12.82
CA SER F 67 -26.99 -11.55 11.95
C SER F 67 -27.19 -10.09 11.59
N GLY F 68 -26.95 -9.74 10.33
CA GLY F 68 -26.93 -8.35 9.94
C GLY F 68 -25.83 -7.60 10.66
N SER F 69 -26.18 -6.52 11.34
CA SER F 69 -25.24 -5.80 12.20
C SER F 69 -25.34 -6.22 13.66
N ASP F 70 -26.21 -7.18 13.98
CA ASP F 70 -26.36 -7.64 15.36
C ASP F 70 -25.29 -8.67 15.71
N TYR F 71 -24.70 -8.50 16.88
CA TYR F 71 -23.71 -9.43 17.43
C TYR F 71 -24.28 -9.99 18.72
N SER F 72 -24.60 -11.28 18.72
CA SER F 72 -25.34 -11.90 19.80
C SER F 72 -24.44 -12.82 20.60
N LEU F 73 -24.39 -12.61 21.91
CA LEU F 73 -23.71 -13.52 22.84
C LEU F 73 -24.79 -14.34 23.53
N THR F 74 -24.87 -15.63 23.19
CA THR F 74 -25.90 -16.51 23.71
C THR F 74 -25.31 -17.44 24.77
N ILE F 75 -25.97 -17.49 25.93
CA ILE F 75 -25.59 -18.39 27.00
C ILE F 75 -26.62 -19.50 27.07
N SER F 76 -26.16 -20.75 26.97
CA SER F 76 -27.08 -21.88 26.98
C SER F 76 -27.71 -22.06 28.36
N SER F 77 -26.89 -22.15 29.40
CA SER F 77 -27.37 -22.37 30.76
C SER F 77 -26.59 -21.48 31.71
N LEU F 78 -27.30 -20.72 32.53
CA LEU F 78 -26.65 -19.83 33.47
C LEU F 78 -26.09 -20.59 34.66
N GLU F 79 -25.10 -19.99 35.31
CA GLU F 79 -24.48 -20.55 36.50
C GLU F 79 -24.38 -19.48 37.57
N SER F 80 -24.05 -19.90 38.79
CA SER F 80 -23.97 -18.97 39.91
C SER F 80 -22.88 -17.93 39.70
N GLU F 81 -21.74 -18.33 39.15
CA GLU F 81 -20.64 -17.42 38.90
C GLU F 81 -20.81 -16.62 37.61
N ASP F 82 -21.83 -16.91 36.83
CA ASP F 82 -22.02 -16.28 35.52
C ASP F 82 -22.76 -14.95 35.59
N PHE F 83 -23.12 -14.48 36.78
CA PHE F 83 -23.78 -13.19 36.92
C PHE F 83 -22.70 -12.14 37.18
N VAL F 84 -22.34 -11.44 36.11
CA VAL F 84 -21.27 -10.44 36.08
C VAL F 84 -21.43 -9.53 34.86
N ASP F 85 -20.69 -8.41 34.84
CA ASP F 85 -20.83 -7.38 33.82
C ASP F 85 -20.17 -7.85 32.53
N TYR F 86 -20.93 -7.88 31.45
CA TYR F 86 -20.43 -8.31 30.15
C TYR F 86 -20.27 -7.11 29.22
N TYR F 87 -19.26 -7.19 28.35
CA TYR F 87 -18.88 -6.09 27.48
C TYR F 87 -18.60 -6.61 26.08
N CYS F 88 -18.77 -5.74 25.09
CA CYS F 88 -18.42 -6.06 23.70
C CYS F 88 -17.42 -5.04 23.19
N LEU F 89 -16.30 -5.53 22.67
CA LEU F 89 -15.22 -4.72 22.16
C LEU F 89 -15.18 -4.81 20.64
N GLN F 90 -14.75 -3.73 20.00
CA GLN F 90 -14.51 -3.70 18.56
C GLN F 90 -13.05 -3.35 18.30
N TYR F 91 -12.31 -4.30 17.76
CA TYR F 91 -10.94 -4.07 17.33
C TYR F 91 -10.85 -3.75 15.84
N ALA F 92 -12.00 -3.56 15.17
CA ALA F 92 -12.00 -3.31 13.74
C ALA F 92 -11.25 -2.04 13.38
N SER F 93 -11.45 -0.96 14.12
CA SER F 93 -10.83 0.31 13.78
C SER F 93 -10.56 1.13 15.05
N PHE F 94 -9.60 2.05 14.93
CA PHE F 94 -9.30 2.97 16.02
C PHE F 94 -10.24 4.17 15.99
N PRO F 95 -10.59 4.71 17.18
CA PRO F 95 -10.25 4.14 18.48
C PRO F 95 -11.17 2.99 18.85
N LEU F 96 -10.71 2.12 19.74
CA LEU F 96 -11.50 0.97 20.15
C LEU F 96 -12.52 1.40 21.20
N THR F 97 -13.77 0.98 21.01
CA THR F 97 -14.86 1.38 21.88
C THR F 97 -15.46 0.15 22.57
N PHE F 98 -16.05 0.40 23.73
CA PHE F 98 -16.69 -0.64 24.54
C PHE F 98 -18.18 -0.41 24.60
N GLY F 99 -18.94 -1.49 24.71
CA GLY F 99 -20.36 -1.39 24.94
C GLY F 99 -20.67 -0.87 26.33
N ALA F 100 -21.91 -0.41 26.49
CA ALA F 100 -22.32 0.17 27.77
C ALA F 100 -22.26 -0.84 28.90
N GLY F 101 -22.46 -2.12 28.60
CA GLY F 101 -22.42 -3.17 29.59
C GLY F 101 -23.79 -3.70 29.93
N THR F 102 -23.80 -4.86 30.57
CA THR F 102 -25.03 -5.52 30.99
C THR F 102 -24.80 -6.16 32.35
N LYS F 103 -25.76 -5.98 33.26
CA LYS F 103 -25.70 -6.55 34.59
C LYS F 103 -26.66 -7.73 34.69
N LEU F 104 -26.20 -8.82 35.30
CA LEU F 104 -26.98 -10.03 35.47
C LEU F 104 -27.37 -10.21 36.93
N GLU F 105 -28.65 -10.41 37.18
CA GLU F 105 -29.18 -10.62 38.51
C GLU F 105 -30.04 -11.88 38.53
N LEU F 106 -30.25 -12.41 39.73
CA LEU F 106 -31.05 -13.61 39.91
C LEU F 106 -32.47 -13.23 40.32
N LYS F 107 -33.44 -13.96 39.78
CA LYS F 107 -34.85 -13.68 40.07
C LYS F 107 -35.16 -13.97 41.53
N ARG F 108 -35.98 -13.12 42.14
CA ARG F 108 -36.37 -13.29 43.53
C ARG F 108 -37.83 -12.88 43.75
#